data_1GNG
#
_entry.id   1GNG
#
_cell.length_a   153.050
_cell.length_b   153.050
_cell.length_c   213.350
_cell.angle_alpha   90.00
_cell.angle_beta   90.00
_cell.angle_gamma   120.00
#
_symmetry.space_group_name_H-M   'H 3 2'
#
loop_
_entity.id
_entity.type
_entity.pdbx_description
1 polymer 'GLYCOGEN SYNTHASE KINASE-3 BETA'
2 polymer FRATTIDE
3 non-polymer 'SULFATE ION'
4 non-polymer 2-AMINO-2-HYDROXYMETHYL-PROPANE-1,3-DIOL
5 water water
#
loop_
_entity_poly.entity_id
_entity_poly.type
_entity_poly.pdbx_seq_one_letter_code
_entity_poly.pdbx_strand_id
1 'polypeptide(L)'
;MHHHHHHHHHHKVSRDKDGSKVTTVVATPGQGPDRPQEVSYTDTKVIGNGSFGVVYQAKLCDSGELVAIKKVLQDKRFKN
RELQIMRKLDHCNIVRLRYFFYSSGEKKDEVYLNLVLDYVPETVYRVARHYSRAKQTLPVIYVKLYMYQLFRSLAYIHSF
GICHRDIKPQNLLLDPDTAVLKLCDFGSAKQLVRGEPNVS(PTR)ICSRYYRAPELIFGATDYTSSIDVWSAGCVLAELL
LGQPIFPGDSGVDQLVEIIKVLGTPTREQIREMNPNYTEFKFPQIKAHPWTKVFRPRTPPEAIALCSRLLEYTPTARLTP
LEACAHSFFDELRDPNVKLPNGRDTPALFNFTTQELSSNPPLATILIPPHARIQAAASTPTN
;
A,B
2 'polypeptide(L)' SQPETRTGDDDPHRLLQQLVLSGNLIKEAVRRLHSRRLQ X,Y
#
# COMPACT_ATOMS: atom_id res chain seq x y z
N LYS A 21 4.21 -50.55 -22.00
CA LYS A 21 2.83 -50.95 -22.39
C LYS A 21 1.79 -49.91 -21.94
N VAL A 22 0.52 -50.16 -22.27
CA VAL A 22 -0.57 -49.25 -21.92
C VAL A 22 -1.35 -49.72 -20.70
N THR A 23 -1.12 -49.06 -19.57
CA THR A 23 -1.79 -49.40 -18.33
C THR A 23 -3.22 -48.91 -18.33
N THR A 24 -4.13 -49.75 -17.83
CA THR A 24 -5.53 -49.39 -17.74
C THR A 24 -6.04 -49.71 -16.34
N VAL A 25 -6.69 -48.72 -15.73
CA VAL A 25 -7.22 -48.86 -14.38
C VAL A 25 -8.64 -48.31 -14.27
N VAL A 26 -9.34 -48.67 -13.19
CA VAL A 26 -10.68 -48.18 -12.94
C VAL A 26 -10.48 -47.07 -11.92
N ALA A 27 -10.78 -45.83 -12.30
CA ALA A 27 -10.58 -44.72 -11.39
C ALA A 27 -11.82 -43.89 -11.17
N THR A 28 -11.75 -43.05 -10.14
CA THR A 28 -12.84 -42.16 -9.79
C THR A 28 -12.42 -40.74 -10.16
N PRO A 29 -13.36 -39.95 -10.70
CA PRO A 29 -13.02 -38.57 -11.08
C PRO A 29 -12.73 -37.76 -9.81
N GLY A 30 -11.64 -37.01 -9.80
CA GLY A 30 -11.31 -36.20 -8.64
C GLY A 30 -12.43 -35.29 -8.20
N GLN A 31 -12.81 -34.37 -9.09
CA GLN A 31 -13.91 -33.45 -8.83
C GLN A 31 -15.05 -33.93 -9.72
N GLY A 32 -16.06 -34.53 -9.10
CA GLY A 32 -17.19 -35.01 -9.88
C GLY A 32 -17.78 -36.31 -9.35
N PRO A 33 -19.00 -36.66 -9.80
CA PRO A 33 -19.76 -37.87 -9.43
C PRO A 33 -18.93 -39.12 -9.15
N ASP A 34 -19.18 -39.69 -7.98
CA ASP A 34 -18.48 -40.87 -7.51
C ASP A 34 -18.53 -42.12 -8.37
N ARG A 35 -18.92 -42.01 -9.64
CA ARG A 35 -18.96 -43.21 -10.44
C ARG A 35 -17.70 -43.40 -11.31
N PRO A 36 -17.01 -44.55 -11.13
CA PRO A 36 -15.80 -44.98 -11.82
C PRO A 36 -15.82 -44.95 -13.34
N GLN A 37 -14.62 -44.98 -13.93
CA GLN A 37 -14.44 -45.00 -15.38
C GLN A 37 -13.16 -45.78 -15.58
N GLU A 38 -12.91 -46.22 -16.80
CA GLU A 38 -11.65 -46.90 -17.05
C GLU A 38 -10.72 -45.75 -17.39
N VAL A 39 -9.43 -45.97 -17.21
CA VAL A 39 -8.45 -44.96 -17.50
C VAL A 39 -7.15 -45.62 -17.88
N SER A 40 -6.75 -45.43 -19.13
CA SER A 40 -5.51 -46.02 -19.63
C SER A 40 -4.46 -44.94 -19.75
N TYR A 41 -3.24 -45.27 -19.38
CA TYR A 41 -2.15 -44.32 -19.48
C TYR A 41 -0.90 -45.05 -19.97
N THR A 42 0.10 -44.27 -20.37
CA THR A 42 1.33 -44.84 -20.91
C THR A 42 2.53 -43.91 -20.67
N ASP A 43 3.69 -44.33 -21.18
CA ASP A 43 4.93 -43.57 -21.06
C ASP A 43 5.15 -43.17 -19.61
N THR A 44 4.78 -44.10 -18.73
CA THR A 44 4.90 -43.90 -17.29
C THR A 44 6.38 -43.91 -16.93
N LYS A 45 6.75 -43.16 -15.91
CA LYS A 45 8.14 -43.09 -15.46
C LYS A 45 8.27 -42.33 -14.15
N VAL A 46 9.10 -42.84 -13.24
CA VAL A 46 9.36 -42.23 -11.94
C VAL A 46 10.12 -40.91 -12.12
N ILE A 47 9.65 -39.87 -11.43
CA ILE A 47 10.30 -38.59 -11.52
C ILE A 47 10.59 -38.05 -10.12
N GLY A 48 10.14 -38.81 -9.11
CA GLY A 48 10.35 -38.40 -7.74
C GLY A 48 10.19 -39.56 -6.78
N ASN A 49 10.99 -39.55 -5.73
CA ASN A 49 10.95 -40.61 -4.74
C ASN A 49 11.07 -39.99 -3.34
N GLY A 50 10.88 -40.81 -2.30
CA GLY A 50 10.98 -40.30 -0.93
C GLY A 50 10.18 -41.06 0.10
N SER A 51 9.98 -40.46 1.26
CA SER A 51 9.23 -41.08 2.35
C SER A 51 7.73 -41.12 2.04
N PHE A 52 7.23 -40.01 1.49
CA PHE A 52 5.81 -39.86 1.13
C PHE A 52 5.31 -41.01 0.25
N GLY A 53 6.15 -41.44 -0.68
CA GLY A 53 5.79 -42.51 -1.59
C GLY A 53 6.59 -42.40 -2.88
N VAL A 54 5.91 -42.50 -4.01
CA VAL A 54 6.58 -42.42 -5.30
C VAL A 54 5.73 -41.59 -6.25
N VAL A 55 6.38 -40.90 -7.17
CA VAL A 55 5.68 -40.08 -8.13
C VAL A 55 6.10 -40.47 -9.53
N TYR A 56 5.13 -40.59 -10.42
CA TYR A 56 5.42 -40.95 -11.80
C TYR A 56 4.84 -39.89 -12.70
N GLN A 57 5.18 -39.99 -13.97
CA GLN A 57 4.68 -39.05 -14.96
C GLN A 57 4.18 -39.93 -16.08
N ALA A 58 3.07 -39.56 -16.69
CA ALA A 58 2.54 -40.37 -17.77
C ALA A 58 1.66 -39.58 -18.72
N LYS A 59 1.23 -40.25 -19.79
CA LYS A 59 0.38 -39.64 -20.80
C LYS A 59 -0.96 -40.36 -20.88
N LEU A 60 -2.05 -39.59 -20.94
CA LEU A 60 -3.38 -40.18 -21.04
C LEU A 60 -3.63 -40.59 -22.49
N CYS A 61 -4.09 -41.82 -22.68
CA CYS A 61 -4.33 -42.36 -24.00
C CYS A 61 -5.51 -41.83 -24.81
N ASP A 62 -6.44 -41.15 -24.14
CA ASP A 62 -7.59 -40.60 -24.87
C ASP A 62 -7.59 -39.07 -24.75
N SER A 63 -6.81 -38.56 -23.79
CA SER A 63 -6.72 -37.12 -23.55
C SER A 63 -5.38 -36.56 -24.06
N GLY A 64 -4.43 -37.46 -24.28
CA GLY A 64 -3.11 -37.07 -24.75
C GLY A 64 -2.37 -36.40 -23.61
N GLU A 65 -3.12 -35.61 -22.84
CA GLU A 65 -2.61 -34.86 -21.70
C GLU A 65 -1.62 -35.65 -20.86
N LEU A 66 -0.65 -34.95 -20.29
CA LEU A 66 0.36 -35.55 -19.43
C LEU A 66 -0.09 -35.32 -18.01
N VAL A 67 0.18 -36.28 -17.15
CA VAL A 67 -0.19 -36.15 -15.76
C VAL A 67 0.84 -36.75 -14.85
N ALA A 68 0.71 -36.41 -13.58
CA ALA A 68 1.60 -36.92 -12.57
C ALA A 68 0.73 -37.86 -11.74
N ILE A 69 1.30 -38.97 -11.29
CA ILE A 69 0.57 -39.92 -10.48
C ILE A 69 1.36 -40.15 -9.21
N LYS A 70 0.83 -39.67 -8.09
CA LYS A 70 1.49 -39.85 -6.80
C LYS A 70 0.91 -41.13 -6.17
N LYS A 71 1.78 -42.07 -5.82
CA LYS A 71 1.38 -43.33 -5.22
C LYS A 71 1.87 -43.41 -3.78
N VAL A 72 0.91 -43.36 -2.87
CA VAL A 72 1.17 -43.39 -1.44
C VAL A 72 0.66 -44.68 -0.81
N LEU A 73 1.35 -45.12 0.24
CA LEU A 73 0.92 -46.31 0.97
C LEU A 73 0.00 -45.77 2.06
N GLN A 74 -1.22 -46.28 2.09
CA GLN A 74 -2.22 -45.83 3.05
C GLN A 74 -2.74 -46.96 3.91
N ASP A 75 -3.10 -46.62 5.15
CA ASP A 75 -3.66 -47.60 6.06
C ASP A 75 -5.17 -47.59 5.78
N LYS A 76 -5.72 -48.75 5.42
CA LYS A 76 -7.14 -48.88 5.10
C LYS A 76 -8.09 -48.29 6.13
N ARG A 77 -7.84 -48.60 7.40
CA ARG A 77 -8.68 -48.11 8.49
C ARG A 77 -8.98 -46.61 8.41
N PHE A 78 -7.95 -45.81 8.24
CA PHE A 78 -8.10 -44.36 8.17
C PHE A 78 -8.26 -43.81 6.76
N LYS A 79 -8.70 -42.55 6.69
CA LYS A 79 -8.87 -41.85 5.43
C LYS A 79 -7.49 -41.28 5.06
N ASN A 80 -7.36 -40.75 3.85
CA ASN A 80 -6.09 -40.18 3.42
C ASN A 80 -6.18 -38.65 3.38
N ARG A 81 -5.50 -38.00 4.32
CA ARG A 81 -5.51 -36.55 4.43
C ARG A 81 -5.43 -35.85 3.09
N GLU A 82 -4.46 -36.23 2.28
CA GLU A 82 -4.26 -35.62 0.97
C GLU A 82 -5.43 -35.84 0.04
N LEU A 83 -5.89 -37.08 -0.08
CA LEU A 83 -7.01 -37.38 -0.95
C LEU A 83 -8.26 -36.58 -0.56
N GLN A 84 -8.57 -36.58 0.74
CA GLN A 84 -9.74 -35.87 1.23
C GLN A 84 -9.69 -34.38 0.91
N ILE A 85 -8.50 -33.80 1.03
CA ILE A 85 -8.29 -32.39 0.76
C ILE A 85 -8.43 -32.03 -0.71
N MET A 86 -7.77 -32.79 -1.57
CA MET A 86 -7.82 -32.54 -3.01
C MET A 86 -9.22 -32.64 -3.59
N ARG A 87 -10.12 -33.36 -2.91
CA ARG A 87 -11.48 -33.54 -3.41
C ARG A 87 -12.40 -32.35 -3.21
N LYS A 88 -12.12 -31.56 -2.16
CA LYS A 88 -12.91 -30.35 -1.91
C LYS A 88 -12.46 -29.28 -2.87
N LEU A 89 -11.16 -29.29 -3.17
CA LEU A 89 -10.55 -28.29 -4.04
C LEU A 89 -10.84 -28.35 -5.53
N ASP A 90 -11.32 -27.21 -6.03
CA ASP A 90 -11.62 -27.01 -7.44
C ASP A 90 -11.43 -25.51 -7.66
N HIS A 91 -10.20 -25.14 -7.97
CA HIS A 91 -9.81 -23.75 -8.17
C HIS A 91 -8.81 -23.72 -9.34
N CYS A 92 -8.73 -22.58 -10.02
CA CYS A 92 -7.84 -22.45 -11.18
C CYS A 92 -6.36 -22.29 -10.84
N ASN A 93 -6.05 -21.96 -9.60
CA ASN A 93 -4.65 -21.78 -9.19
C ASN A 93 -4.22 -22.92 -8.28
N ILE A 94 -4.89 -24.05 -8.43
CA ILE A 94 -4.60 -25.23 -7.65
C ILE A 94 -4.60 -26.40 -8.60
N VAL A 95 -3.53 -27.20 -8.55
CA VAL A 95 -3.42 -28.38 -9.40
C VAL A 95 -4.68 -29.24 -9.24
N ARG A 96 -5.27 -29.60 -10.36
CA ARG A 96 -6.51 -30.38 -10.36
C ARG A 96 -6.29 -31.88 -10.24
N LEU A 97 -7.09 -32.53 -9.37
CA LEU A 97 -7.01 -33.97 -9.22
C LEU A 97 -7.89 -34.56 -10.31
N ARG A 98 -7.27 -35.13 -11.34
CA ARG A 98 -8.02 -35.70 -12.45
C ARG A 98 -8.81 -36.93 -11.99
N TYR A 99 -8.09 -37.96 -11.54
CA TYR A 99 -8.70 -39.20 -11.08
C TYR A 99 -7.91 -39.73 -9.90
N PHE A 100 -8.40 -40.81 -9.32
CA PHE A 100 -7.71 -41.46 -8.22
C PHE A 100 -8.21 -42.90 -8.14
N PHE A 101 -7.28 -43.83 -8.00
CA PHE A 101 -7.64 -45.23 -7.91
C PHE A 101 -6.74 -45.89 -6.90
N TYR A 102 -7.03 -47.14 -6.59
CA TYR A 102 -6.26 -47.87 -5.62
C TYR A 102 -5.50 -49.06 -6.18
N SER A 103 -4.50 -49.47 -5.42
CA SER A 103 -3.68 -50.58 -5.82
C SER A 103 -3.54 -51.54 -4.67
N SER A 104 -3.39 -52.80 -5.04
CA SER A 104 -3.23 -53.88 -4.10
C SER A 104 -2.05 -53.60 -3.18
N GLY A 105 -2.31 -53.52 -1.88
CA GLY A 105 -1.24 -53.30 -0.93
C GLY A 105 -0.61 -54.66 -0.69
N GLU A 106 0.49 -54.70 0.06
CA GLU A 106 1.12 -55.98 0.33
C GLU A 106 0.63 -56.50 1.67
N LYS A 107 0.72 -55.67 2.70
CA LYS A 107 0.26 -56.06 4.04
C LYS A 107 -1.25 -55.83 4.07
N LYS A 108 -2.00 -56.92 4.23
CA LYS A 108 -3.48 -56.90 4.25
C LYS A 108 -4.22 -55.64 4.69
N ASP A 109 -3.64 -54.87 5.60
CA ASP A 109 -4.28 -53.64 6.06
C ASP A 109 -3.66 -52.39 5.45
N GLU A 110 -3.21 -52.50 4.20
CA GLU A 110 -2.60 -51.37 3.50
C GLU A 110 -2.90 -51.36 2.02
N VAL A 111 -3.18 -50.17 1.51
CA VAL A 111 -3.48 -49.95 0.10
C VAL A 111 -2.60 -48.83 -0.43
N TYR A 112 -2.50 -48.75 -1.76
CA TYR A 112 -1.73 -47.70 -2.39
C TYR A 112 -2.71 -46.76 -3.10
N LEU A 113 -2.81 -45.54 -2.62
CA LEU A 113 -3.71 -44.57 -3.25
C LEU A 113 -2.97 -43.94 -4.44
N ASN A 114 -3.65 -43.78 -5.57
CA ASN A 114 -3.01 -43.20 -6.74
C ASN A 114 -3.66 -41.92 -7.21
N LEU A 115 -3.13 -40.80 -6.74
CA LEU A 115 -3.66 -39.51 -7.13
C LEU A 115 -3.12 -39.18 -8.49
N VAL A 116 -4.02 -39.05 -9.46
CA VAL A 116 -3.64 -38.73 -10.81
C VAL A 116 -3.84 -37.24 -11.03
N LEU A 117 -2.82 -36.48 -10.69
CA LEU A 117 -2.82 -35.02 -10.79
C LEU A 117 -2.42 -34.54 -12.18
N ASP A 118 -2.44 -33.22 -12.35
CA ASP A 118 -2.03 -32.64 -13.62
C ASP A 118 -0.54 -32.36 -13.61
N TYR A 119 0.09 -32.57 -14.77
CA TYR A 119 1.52 -32.38 -14.92
C TYR A 119 1.96 -31.11 -15.66
N VAL A 120 2.81 -30.35 -14.99
CA VAL A 120 3.38 -29.14 -15.56
C VAL A 120 4.81 -29.26 -15.11
N PRO A 121 5.76 -29.28 -16.06
CA PRO A 121 7.18 -29.40 -15.76
C PRO A 121 7.81 -28.10 -15.26
N GLU A 122 7.14 -26.98 -15.53
CA GLU A 122 7.66 -25.68 -15.13
C GLU A 122 7.21 -25.23 -13.74
N THR A 123 8.16 -24.71 -12.95
CA THR A 123 7.86 -24.23 -11.61
C THR A 123 8.47 -22.86 -11.42
N VAL A 124 7.88 -22.07 -10.53
CA VAL A 124 8.39 -20.74 -10.23
C VAL A 124 9.84 -20.89 -9.76
N TYR A 125 10.20 -22.07 -9.29
CA TYR A 125 11.56 -22.31 -8.85
C TYR A 125 12.49 -22.33 -10.05
N ARG A 126 12.17 -23.17 -11.02
CA ARG A 126 12.99 -23.29 -12.21
C ARG A 126 13.18 -21.92 -12.87
N VAL A 127 12.06 -21.24 -13.08
CA VAL A 127 12.06 -19.92 -13.69
C VAL A 127 12.97 -18.98 -12.93
N ALA A 128 12.73 -18.87 -11.63
CA ALA A 128 13.53 -18.00 -10.76
C ALA A 128 14.99 -18.36 -10.85
N ARG A 129 15.31 -19.65 -10.77
CA ARG A 129 16.69 -20.09 -10.84
C ARG A 129 17.24 -19.75 -12.21
N HIS A 130 16.36 -19.68 -13.20
CA HIS A 130 16.80 -19.34 -14.54
C HIS A 130 17.38 -17.94 -14.57
N TYR A 131 16.58 -16.97 -14.17
CA TYR A 131 17.03 -15.59 -14.14
C TYR A 131 18.23 -15.41 -13.23
N SER A 132 18.21 -16.10 -12.10
CA SER A 132 19.30 -16.02 -11.16
C SER A 132 20.61 -16.42 -11.80
N ARG A 133 20.61 -17.50 -12.57
CA ARG A 133 21.83 -17.93 -13.22
C ARG A 133 22.24 -16.96 -14.32
N ALA A 134 21.26 -16.26 -14.89
CA ALA A 134 21.49 -15.26 -15.94
C ALA A 134 21.83 -13.91 -15.28
N LYS A 135 22.02 -13.98 -13.97
CA LYS A 135 22.36 -12.82 -13.14
C LYS A 135 21.37 -11.68 -13.02
N GLN A 136 20.31 -11.71 -13.84
CA GLN A 136 19.31 -10.67 -13.75
C GLN A 136 18.16 -11.07 -12.83
N THR A 137 17.20 -10.16 -12.66
CA THR A 137 16.08 -10.43 -11.77
C THR A 137 14.78 -10.65 -12.55
N LEU A 138 13.85 -11.39 -11.95
CA LEU A 138 12.56 -11.67 -12.58
C LEU A 138 11.78 -10.36 -12.80
N PRO A 139 11.13 -10.23 -13.96
CA PRO A 139 10.33 -9.03 -14.28
C PRO A 139 9.22 -8.82 -13.26
N VAL A 140 9.08 -7.58 -12.82
CA VAL A 140 8.09 -7.24 -11.83
C VAL A 140 6.70 -7.73 -12.22
N ILE A 141 6.41 -7.67 -13.52
CA ILE A 141 5.10 -8.09 -13.98
C ILE A 141 4.82 -9.53 -13.56
N TYR A 142 5.82 -10.38 -13.70
CA TYR A 142 5.68 -11.78 -13.35
C TYR A 142 5.64 -11.96 -11.85
N VAL A 143 6.37 -11.14 -11.13
CA VAL A 143 6.37 -11.22 -9.68
C VAL A 143 4.98 -10.92 -9.14
N LYS A 144 4.29 -9.99 -9.78
CA LYS A 144 2.92 -9.62 -9.35
C LYS A 144 1.93 -10.70 -9.73
N LEU A 145 2.11 -11.24 -10.93
CA LEU A 145 1.23 -12.28 -11.47
C LEU A 145 1.28 -13.57 -10.69
N TYR A 146 2.49 -14.01 -10.38
CA TYR A 146 2.72 -15.23 -9.64
C TYR A 146 2.27 -15.12 -8.19
N MET A 147 2.76 -14.08 -7.51
CA MET A 147 2.41 -13.86 -6.12
C MET A 147 0.91 -13.68 -5.96
N TYR A 148 0.30 -13.00 -6.92
CA TYR A 148 -1.13 -12.77 -6.86
C TYR A 148 -1.87 -14.08 -6.83
N GLN A 149 -1.64 -14.89 -7.85
CA GLN A 149 -2.29 -16.19 -7.96
C GLN A 149 -2.00 -17.07 -6.76
N LEU A 150 -0.77 -16.99 -6.26
CA LEU A 150 -0.37 -17.75 -5.09
C LEU A 150 -1.33 -17.42 -3.96
N PHE A 151 -1.56 -16.12 -3.73
CA PHE A 151 -2.47 -15.70 -2.68
C PHE A 151 -3.90 -16.17 -2.85
N ARG A 152 -4.40 -16.11 -4.08
CA ARG A 152 -5.76 -16.55 -4.32
C ARG A 152 -5.90 -18.02 -3.93
N SER A 153 -4.92 -18.83 -4.33
CA SER A 153 -4.99 -20.24 -4.01
C SER A 153 -4.95 -20.40 -2.50
N LEU A 154 -4.16 -19.56 -1.85
CA LEU A 154 -4.03 -19.59 -0.41
C LEU A 154 -5.36 -19.19 0.18
N ALA A 155 -5.91 -18.09 -0.30
CA ALA A 155 -7.20 -17.61 0.19
C ALA A 155 -8.23 -18.73 0.05
N TYR A 156 -8.24 -19.37 -1.10
CA TYR A 156 -9.19 -20.46 -1.38
C TYR A 156 -9.03 -21.68 -0.46
N ILE A 157 -7.83 -22.24 -0.37
CA ILE A 157 -7.65 -23.38 0.50
C ILE A 157 -7.85 -23.03 1.97
N HIS A 158 -7.46 -21.83 2.36
CA HIS A 158 -7.64 -21.43 3.74
C HIS A 158 -9.12 -21.32 4.11
N SER A 159 -9.94 -20.87 3.15
CA SER A 159 -11.37 -20.73 3.40
C SER A 159 -11.97 -22.04 3.88
N PHE A 160 -11.31 -23.16 3.57
CA PHE A 160 -11.78 -24.49 4.01
C PHE A 160 -11.12 -24.89 5.34
N GLY A 161 -10.18 -24.06 5.82
CA GLY A 161 -9.48 -24.36 7.05
C GLY A 161 -8.24 -25.20 6.77
N ILE A 162 -7.96 -25.40 5.49
CA ILE A 162 -6.81 -26.18 5.06
C ILE A 162 -5.52 -25.36 5.00
N CYS A 163 -4.47 -25.88 5.61
CA CYS A 163 -3.17 -25.20 5.61
C CYS A 163 -2.25 -26.09 4.78
N HIS A 164 -1.54 -25.49 3.84
CA HIS A 164 -0.64 -26.23 2.96
C HIS A 164 0.62 -26.68 3.71
N ARG A 165 1.12 -25.81 4.57
CA ARG A 165 2.30 -26.11 5.39
C ARG A 165 3.56 -26.44 4.61
N ASP A 166 3.58 -26.19 3.31
CA ASP A 166 4.80 -26.44 2.55
C ASP A 166 4.87 -25.54 1.32
N ILE A 167 4.58 -24.27 1.54
CA ILE A 167 4.64 -23.31 0.48
C ILE A 167 6.09 -22.98 0.17
N LYS A 168 6.46 -23.10 -1.11
CA LYS A 168 7.82 -22.81 -1.58
C LYS A 168 7.83 -22.82 -3.11
N PRO A 169 8.81 -22.14 -3.72
CA PRO A 169 8.99 -22.01 -5.17
C PRO A 169 8.82 -23.30 -5.94
N GLN A 170 9.26 -24.41 -5.38
CA GLN A 170 9.17 -25.68 -6.06
C GLN A 170 7.74 -26.22 -6.17
N ASN A 171 6.87 -25.82 -5.25
CA ASN A 171 5.49 -26.29 -5.27
C ASN A 171 4.56 -25.36 -6.02
N LEU A 172 5.13 -24.49 -6.85
CA LEU A 172 4.34 -23.55 -7.64
C LEU A 172 4.54 -23.82 -9.13
N LEU A 173 3.54 -24.45 -9.74
CA LEU A 173 3.57 -24.81 -11.15
C LEU A 173 3.21 -23.66 -12.06
N LEU A 174 3.84 -23.62 -13.23
CA LEU A 174 3.61 -22.57 -14.21
C LEU A 174 3.35 -23.02 -15.64
N ASP A 175 2.50 -22.27 -16.33
CA ASP A 175 2.22 -22.50 -17.74
C ASP A 175 3.04 -21.39 -18.38
N PRO A 176 4.15 -21.74 -19.06
CA PRO A 176 5.04 -20.77 -19.70
C PRO A 176 4.42 -19.88 -20.78
N ASP A 177 3.28 -20.27 -21.33
CA ASP A 177 2.63 -19.49 -22.37
C ASP A 177 1.45 -18.67 -21.84
N THR A 178 0.69 -19.25 -20.93
CA THR A 178 -0.47 -18.57 -20.36
C THR A 178 -0.11 -17.74 -19.13
N ALA A 179 0.96 -18.15 -18.44
CA ALA A 179 1.43 -17.49 -17.23
C ALA A 179 0.54 -17.84 -16.05
N VAL A 180 -0.06 -19.03 -16.08
CA VAL A 180 -0.93 -19.46 -15.00
C VAL A 180 -0.18 -20.28 -13.95
N LEU A 181 -0.44 -19.96 -12.69
CA LEU A 181 0.19 -20.62 -11.56
C LEU A 181 -0.79 -21.53 -10.83
N LYS A 182 -0.27 -22.65 -10.34
CA LYS A 182 -1.07 -23.62 -9.60
C LYS A 182 -0.28 -24.13 -8.40
N LEU A 183 -0.93 -24.17 -7.25
CA LEU A 183 -0.31 -24.66 -6.05
C LEU A 183 -0.37 -26.19 -6.14
N CYS A 184 0.66 -26.88 -5.68
CA CYS A 184 0.64 -28.32 -5.75
C CYS A 184 1.30 -28.98 -4.54
N ASP A 185 1.39 -30.30 -4.59
CA ASP A 185 1.96 -31.13 -3.53
C ASP A 185 1.36 -30.82 -2.17
N PHE A 186 0.16 -31.35 -1.94
CA PHE A 186 -0.52 -31.14 -0.67
C PHE A 186 -0.17 -32.22 0.32
N GLY A 187 1.00 -32.85 0.10
CA GLY A 187 1.45 -33.89 0.99
C GLY A 187 1.57 -33.48 2.46
N SER A 188 1.84 -32.20 2.72
CA SER A 188 1.96 -31.71 4.10
C SER A 188 0.70 -30.99 4.54
N ALA A 189 -0.19 -30.72 3.59
CA ALA A 189 -1.43 -30.02 3.89
C ALA A 189 -2.24 -30.74 4.95
N LYS A 190 -3.05 -29.99 5.66
CA LYS A 190 -3.89 -30.51 6.72
C LYS A 190 -5.02 -29.55 7.04
N GLN A 191 -6.19 -30.10 7.33
CA GLN A 191 -7.34 -29.27 7.70
C GLN A 191 -7.11 -28.93 9.17
N LEU A 192 -6.84 -27.66 9.47
CA LEU A 192 -6.59 -27.27 10.86
C LEU A 192 -7.84 -27.04 11.70
N VAL A 193 -7.80 -27.54 12.93
CA VAL A 193 -8.91 -27.40 13.86
C VAL A 193 -8.37 -26.84 15.16
N ARG A 194 -8.73 -25.61 15.46
CA ARG A 194 -8.28 -24.95 16.68
C ARG A 194 -8.47 -25.89 17.87
N GLY A 195 -7.50 -25.88 18.77
CA GLY A 195 -7.61 -26.73 19.94
C GLY A 195 -6.95 -28.08 19.75
N GLU A 196 -6.75 -28.47 18.49
CA GLU A 196 -6.09 -29.73 18.18
C GLU A 196 -4.69 -29.40 17.71
N PRO A 197 -3.68 -29.93 18.41
CA PRO A 197 -2.26 -29.71 18.12
C PRO A 197 -1.74 -30.21 16.77
N ASN A 198 -0.79 -29.47 16.20
CA ASN A 198 -0.18 -29.82 14.93
C ASN A 198 1.31 -29.88 15.13
N VAL A 199 1.96 -30.79 14.42
CA VAL A 199 3.40 -30.96 14.51
C VAL A 199 4.09 -29.63 14.27
N SER A 200 5.09 -29.30 15.08
CA SER A 200 5.76 -28.02 14.89
C SER A 200 6.93 -28.07 13.90
N ILE A 202 7.41 -28.74 10.75
CA ILE A 202 6.73 -28.94 9.48
C ILE A 202 7.19 -27.77 8.56
N CYS A 203 7.05 -27.95 7.24
CA CYS A 203 7.42 -26.90 6.30
C CYS A 203 8.93 -26.84 6.01
N SER A 204 9.29 -26.61 4.75
CA SER A 204 10.70 -26.55 4.35
C SER A 204 11.47 -25.45 5.09
N ARG A 205 12.57 -25.85 5.72
CA ARG A 205 13.35 -24.93 6.54
C ARG A 205 13.35 -23.47 6.15
N TYR A 206 13.86 -23.14 4.97
CA TYR A 206 13.95 -21.77 4.50
C TYR A 206 12.64 -21.00 4.54
N TYR A 207 11.51 -21.72 4.48
CA TYR A 207 10.19 -21.09 4.47
C TYR A 207 9.38 -21.21 5.77
N ARG A 208 9.98 -21.86 6.76
CA ARG A 208 9.32 -22.10 8.05
C ARG A 208 9.12 -20.86 8.91
N ALA A 209 7.90 -20.64 9.33
CA ALA A 209 7.57 -19.48 10.15
C ALA A 209 8.26 -19.53 11.49
N PRO A 210 8.51 -18.36 12.11
CA PRO A 210 9.17 -18.24 13.41
C PRO A 210 8.48 -19.08 14.51
N GLU A 211 7.15 -19.02 14.56
CA GLU A 211 6.43 -19.77 15.58
C GLU A 211 6.68 -21.27 15.53
N LEU A 212 6.89 -21.79 14.33
CA LEU A 212 7.15 -23.21 14.18
C LEU A 212 8.50 -23.52 14.80
N ILE A 213 9.47 -22.63 14.58
CA ILE A 213 10.80 -22.82 15.14
C ILE A 213 10.73 -22.77 16.68
N PHE A 214 9.91 -21.85 17.22
CA PHE A 214 9.76 -21.72 18.66
C PHE A 214 8.90 -22.84 19.28
N GLY A 215 8.64 -23.89 18.50
CA GLY A 215 7.88 -25.01 19.02
C GLY A 215 6.36 -24.93 19.06
N ALA A 216 5.77 -23.91 18.46
CA ALA A 216 4.32 -23.79 18.46
C ALA A 216 3.67 -25.02 17.85
N THR A 217 2.53 -25.42 18.42
CA THR A 217 1.76 -26.58 17.95
C THR A 217 0.32 -26.11 17.76
N ASP A 218 0.05 -24.90 18.21
CA ASP A 218 -1.27 -24.25 18.11
C ASP A 218 -1.26 -23.17 17.03
N TYR A 219 -0.43 -23.36 16.00
CA TYR A 219 -0.33 -22.38 14.93
C TYR A 219 -1.52 -22.38 13.98
N THR A 220 -1.61 -21.36 13.15
CA THR A 220 -2.70 -21.23 12.19
C THR A 220 -2.16 -21.25 10.77
N SER A 221 -3.08 -21.23 9.83
CA SER A 221 -2.71 -21.25 8.43
C SER A 221 -1.94 -19.99 8.03
N SER A 222 -1.69 -19.09 8.99
CA SER A 222 -0.93 -17.90 8.67
C SER A 222 0.55 -18.23 8.51
N ILE A 223 0.91 -19.50 8.72
CA ILE A 223 2.30 -19.90 8.53
C ILE A 223 2.51 -20.02 7.01
N ASP A 224 1.41 -20.08 6.26
CA ASP A 224 1.48 -20.15 4.81
C ASP A 224 1.79 -18.75 4.26
N VAL A 225 1.28 -17.72 4.93
CA VAL A 225 1.54 -16.36 4.50
C VAL A 225 3.00 -15.99 4.77
N TRP A 226 3.53 -16.42 5.91
CA TRP A 226 4.94 -16.15 6.19
C TRP A 226 5.75 -16.77 5.05
N SER A 227 5.39 -18.00 4.68
CA SER A 227 6.07 -18.68 3.60
C SER A 227 5.97 -17.94 2.29
N ALA A 228 4.80 -17.40 1.99
CA ALA A 228 4.59 -16.65 0.74
C ALA A 228 5.48 -15.41 0.72
N GLY A 229 5.60 -14.74 1.85
CA GLY A 229 6.45 -13.57 1.93
C GLY A 229 7.89 -13.96 1.62
N CYS A 230 8.25 -15.20 1.98
CA CYS A 230 9.59 -15.71 1.74
C CYS A 230 9.79 -15.95 0.25
N VAL A 231 8.76 -16.46 -0.41
CA VAL A 231 8.86 -16.71 -1.84
C VAL A 231 8.97 -15.36 -2.54
N LEU A 232 8.15 -14.40 -2.12
CA LEU A 232 8.18 -13.06 -2.70
C LEU A 232 9.60 -12.52 -2.52
N ALA A 233 10.04 -12.42 -1.28
CA ALA A 233 11.37 -11.90 -1.00
C ALA A 233 12.42 -12.60 -1.87
N GLU A 234 12.27 -13.89 -2.09
CA GLU A 234 13.22 -14.65 -2.90
C GLU A 234 13.23 -14.17 -4.36
N LEU A 235 12.06 -13.84 -4.89
CA LEU A 235 11.96 -13.38 -6.27
C LEU A 235 12.60 -12.02 -6.44
N LEU A 236 12.48 -11.19 -5.41
CA LEU A 236 13.06 -9.85 -5.45
C LEU A 236 14.57 -9.88 -5.31
N LEU A 237 15.08 -10.74 -4.41
CA LEU A 237 16.51 -10.85 -4.13
C LEU A 237 17.29 -11.69 -5.10
N GLY A 238 16.69 -12.77 -5.58
CA GLY A 238 17.39 -13.64 -6.51
C GLY A 238 17.79 -14.95 -5.85
N GLN A 239 17.52 -15.07 -4.56
CA GLN A 239 17.86 -16.28 -3.83
C GLN A 239 17.05 -16.25 -2.54
N PRO A 240 16.85 -17.42 -1.90
CA PRO A 240 16.07 -17.40 -0.65
C PRO A 240 16.58 -16.35 0.34
N ILE A 241 15.65 -15.72 1.04
CA ILE A 241 16.00 -14.66 2.00
C ILE A 241 16.57 -15.17 3.34
N PHE A 242 16.07 -16.31 3.80
CA PHE A 242 16.52 -16.90 5.05
C PHE A 242 17.04 -18.32 4.82
N PRO A 243 18.30 -18.45 4.34
CA PRO A 243 18.91 -19.77 4.06
C PRO A 243 19.56 -20.42 5.30
N GLY A 244 18.76 -20.65 6.35
CA GLY A 244 19.30 -21.25 7.55
C GLY A 244 19.85 -22.65 7.31
N ASP A 245 20.86 -23.02 8.08
CA ASP A 245 21.47 -24.34 7.93
C ASP A 245 20.83 -25.39 8.83
N SER A 246 20.04 -24.94 9.78
CA SER A 246 19.37 -25.84 10.71
C SER A 246 18.21 -25.07 11.29
N GLY A 247 17.56 -25.64 12.29
CA GLY A 247 16.44 -24.96 12.90
C GLY A 247 16.90 -23.73 13.68
N VAL A 248 18.04 -23.84 14.35
CA VAL A 248 18.54 -22.71 15.12
C VAL A 248 19.09 -21.62 14.21
N ASP A 249 19.75 -22.02 13.13
CA ASP A 249 20.31 -21.07 12.19
C ASP A 249 19.21 -20.34 11.42
N GLN A 250 18.05 -20.97 11.34
CA GLN A 250 16.89 -20.39 10.65
C GLN A 250 16.46 -19.13 11.39
N LEU A 251 16.34 -19.26 12.70
CA LEU A 251 15.95 -18.14 13.55
C LEU A 251 17.02 -17.06 13.51
N VAL A 252 18.29 -17.46 13.46
CA VAL A 252 19.39 -16.51 13.39
C VAL A 252 19.28 -15.70 12.10
N GLU A 253 18.95 -16.37 11.01
CA GLU A 253 18.78 -15.72 9.72
C GLU A 253 17.62 -14.73 9.81
N ILE A 254 16.56 -15.15 10.49
CA ILE A 254 15.39 -14.31 10.65
C ILE A 254 15.79 -13.11 11.50
N ILE A 255 16.44 -13.36 12.62
CA ILE A 255 16.86 -12.27 13.48
C ILE A 255 17.69 -11.25 12.74
N LYS A 256 18.55 -11.70 11.82
CA LYS A 256 19.40 -10.78 11.06
C LYS A 256 18.62 -9.68 10.33
N VAL A 257 17.35 -9.95 10.03
CA VAL A 257 16.52 -8.97 9.35
C VAL A 257 15.53 -8.34 10.31
N LEU A 258 14.69 -9.17 10.95
CA LEU A 258 13.67 -8.67 11.87
C LEU A 258 14.21 -8.35 13.26
N GLY A 259 15.46 -8.72 13.53
CA GLY A 259 15.98 -8.49 14.87
C GLY A 259 15.30 -9.52 15.76
N THR A 260 15.38 -9.34 17.09
CA THR A 260 14.76 -10.29 18.01
C THR A 260 13.29 -9.93 18.27
N PRO A 261 12.45 -10.94 18.50
CA PRO A 261 11.03 -10.65 18.76
C PRO A 261 10.87 -10.02 20.12
N THR A 262 9.78 -9.28 20.30
CA THR A 262 9.51 -8.66 21.57
C THR A 262 8.75 -9.74 22.31
N ARG A 263 8.65 -9.59 23.63
CA ARG A 263 7.97 -10.57 24.46
C ARG A 263 6.53 -10.72 23.99
N GLU A 264 5.93 -9.62 23.59
CA GLU A 264 4.57 -9.65 23.11
C GLU A 264 4.53 -10.54 21.88
N GLN A 265 5.55 -10.43 21.03
CA GLN A 265 5.63 -11.21 19.81
C GLN A 265 5.83 -12.69 20.11
N ILE A 266 6.66 -12.98 21.10
CA ILE A 266 6.93 -14.36 21.50
C ILE A 266 5.66 -14.99 22.07
N ARG A 267 4.96 -14.24 22.90
CA ARG A 267 3.72 -14.71 23.49
C ARG A 267 2.81 -15.11 22.34
N GLU A 268 2.67 -14.21 21.38
CA GLU A 268 1.82 -14.43 20.20
C GLU A 268 2.17 -15.70 19.43
N MET A 269 3.46 -15.90 19.17
CA MET A 269 3.91 -17.07 18.42
C MET A 269 3.69 -18.33 19.22
N ASN A 270 4.16 -18.34 20.46
CA ASN A 270 4.01 -19.50 21.32
C ASN A 270 3.68 -19.05 22.73
N PRO A 271 2.41 -19.13 23.11
CA PRO A 271 1.95 -18.73 24.44
C PRO A 271 2.66 -19.49 25.56
N ASN A 272 3.21 -20.66 25.22
CA ASN A 272 3.89 -21.51 26.19
C ASN A 272 5.41 -21.51 26.19
N TYR A 273 6.04 -20.62 25.43
CA TYR A 273 7.49 -20.55 25.44
C TYR A 273 7.93 -19.48 26.43
N THR A 274 8.92 -19.81 27.24
CA THR A 274 9.43 -18.85 28.21
C THR A 274 10.94 -18.73 28.11
N GLU A 275 11.40 -17.48 28.10
CA GLU A 275 12.83 -17.15 28.10
C GLU A 275 12.90 -15.91 28.99
N PHE A 276 13.50 -16.07 30.17
CA PHE A 276 13.59 -14.99 31.16
C PHE A 276 14.50 -13.84 30.77
N LYS A 277 15.49 -14.10 29.94
CA LYS A 277 16.39 -13.03 29.55
C LYS A 277 17.08 -13.37 28.24
N PHE A 278 17.25 -12.36 27.39
CA PHE A 278 17.89 -12.52 26.10
C PHE A 278 18.23 -11.13 25.58
N PRO A 279 19.36 -11.00 24.88
CA PRO A 279 19.82 -9.73 24.32
C PRO A 279 18.91 -9.29 23.18
N GLN A 280 18.51 -8.02 23.22
CA GLN A 280 17.61 -7.48 22.22
C GLN A 280 18.30 -6.77 21.06
N ILE A 281 18.17 -7.38 19.88
CA ILE A 281 18.74 -6.89 18.64
C ILE A 281 17.63 -6.25 17.77
N LYS A 282 17.89 -5.05 17.28
CA LYS A 282 16.94 -4.33 16.46
C LYS A 282 16.95 -4.84 15.00
N ALA A 283 15.87 -4.56 14.27
CA ALA A 283 15.76 -5.01 12.89
C ALA A 283 16.45 -4.10 11.88
N HIS A 284 16.90 -4.69 10.78
CA HIS A 284 17.52 -3.91 9.72
C HIS A 284 16.38 -3.33 8.87
N PRO A 285 16.67 -2.26 8.10
CA PRO A 285 15.69 -1.61 7.24
C PRO A 285 15.35 -2.49 6.04
N TRP A 286 14.06 -2.66 5.76
CA TRP A 286 13.66 -3.48 4.63
C TRP A 286 14.21 -2.89 3.34
N THR A 287 14.30 -1.56 3.30
CA THR A 287 14.79 -0.85 2.11
C THR A 287 16.19 -1.27 1.73
N LYS A 288 16.94 -1.79 2.70
CA LYS A 288 18.30 -2.24 2.46
C LYS A 288 18.41 -3.76 2.29
N VAL A 289 17.38 -4.48 2.70
CA VAL A 289 17.41 -5.93 2.55
C VAL A 289 17.47 -6.24 1.07
N PHE A 290 16.72 -5.46 0.28
CA PHE A 290 16.68 -5.68 -1.17
C PHE A 290 17.56 -4.70 -1.95
N ARG A 291 17.82 -5.05 -3.21
CA ARG A 291 18.65 -4.23 -4.09
C ARG A 291 18.01 -2.85 -4.14
N PRO A 292 18.77 -1.82 -4.55
CA PRO A 292 18.22 -0.46 -4.62
C PRO A 292 17.02 -0.27 -5.57
N ARG A 293 17.02 -0.96 -6.71
CA ARG A 293 15.96 -0.82 -7.70
C ARG A 293 14.66 -1.55 -7.42
N THR A 294 14.62 -2.31 -6.33
CA THR A 294 13.41 -3.06 -5.96
C THR A 294 12.20 -2.13 -5.80
N PRO A 295 11.08 -2.44 -6.50
CA PRO A 295 9.90 -1.60 -6.39
C PRO A 295 9.42 -1.52 -4.94
N PRO A 296 9.35 -0.30 -4.39
CA PRO A 296 8.93 0.00 -3.01
C PRO A 296 7.71 -0.76 -2.50
N GLU A 297 6.69 -0.88 -3.35
CA GLU A 297 5.45 -1.57 -2.98
C GLU A 297 5.62 -3.06 -2.76
N ALA A 298 6.66 -3.64 -3.38
CA ALA A 298 6.94 -5.05 -3.21
C ALA A 298 7.56 -5.20 -1.82
N ILE A 299 8.41 -4.24 -1.47
CA ILE A 299 9.06 -4.24 -0.16
C ILE A 299 7.97 -4.03 0.91
N ALA A 300 7.12 -3.03 0.67
CA ALA A 300 6.04 -2.75 1.61
C ALA A 300 5.20 -4.00 1.87
N LEU A 301 4.74 -4.64 0.79
CA LEU A 301 3.94 -5.86 0.90
C LEU A 301 4.69 -6.93 1.71
N CYS A 302 5.94 -7.10 1.34
CA CYS A 302 6.80 -8.07 2.00
C CYS A 302 6.90 -7.84 3.52
N SER A 303 6.95 -6.58 3.94
CA SER A 303 7.05 -6.28 5.37
C SER A 303 5.79 -6.65 6.16
N ARG A 304 4.67 -6.77 5.47
CA ARG A 304 3.40 -7.11 6.11
C ARG A 304 3.16 -8.60 6.12
N LEU A 305 4.04 -9.33 5.43
CA LEU A 305 3.97 -10.79 5.35
C LEU A 305 4.98 -11.41 6.31
N LEU A 306 6.20 -10.87 6.32
CA LEU A 306 7.25 -11.39 7.19
C LEU A 306 7.25 -10.67 8.52
N GLU A 307 6.25 -10.99 9.34
CA GLU A 307 6.06 -10.42 10.68
C GLU A 307 6.19 -11.53 11.71
N TYR A 308 6.68 -11.18 12.89
CA TYR A 308 6.79 -12.18 13.94
C TYR A 308 5.41 -12.57 14.43
N THR A 309 4.55 -11.58 14.67
CA THR A 309 3.20 -11.87 15.14
C THR A 309 2.30 -12.46 14.06
N PRO A 310 1.96 -13.75 14.19
CA PRO A 310 1.13 -14.48 13.24
C PRO A 310 -0.15 -13.74 12.86
N THR A 311 -0.88 -13.29 13.87
CA THR A 311 -2.15 -12.58 13.67
C THR A 311 -1.98 -11.24 12.94
N ALA A 312 -0.74 -10.75 12.88
CA ALA A 312 -0.44 -9.48 12.23
C ALA A 312 -0.18 -9.60 10.74
N ARG A 313 0.09 -10.81 10.27
CA ARG A 313 0.35 -11.02 8.86
C ARG A 313 -0.92 -10.75 8.08
N LEU A 314 -0.78 -10.22 6.87
CA LEU A 314 -1.92 -9.95 5.99
C LEU A 314 -2.56 -11.30 5.65
N THR A 315 -3.86 -11.31 5.38
CA THR A 315 -4.50 -12.56 5.01
C THR A 315 -4.33 -12.64 3.50
N PRO A 316 -4.43 -13.85 2.92
CA PRO A 316 -4.29 -13.99 1.47
C PRO A 316 -5.12 -12.97 0.69
N LEU A 317 -6.41 -12.85 1.03
CA LEU A 317 -7.30 -11.89 0.37
C LEU A 317 -6.83 -10.45 0.54
N GLU A 318 -6.47 -10.08 1.76
CA GLU A 318 -6.00 -8.72 2.03
C GLU A 318 -4.77 -8.48 1.13
N ALA A 319 -3.95 -9.51 0.97
CA ALA A 319 -2.74 -9.42 0.16
C ALA A 319 -3.08 -9.32 -1.32
N CYS A 320 -4.11 -10.03 -1.75
CA CYS A 320 -4.49 -9.95 -3.14
C CYS A 320 -4.93 -8.53 -3.44
N ALA A 321 -5.54 -7.90 -2.44
CA ALA A 321 -6.03 -6.53 -2.57
C ALA A 321 -4.95 -5.46 -2.30
N HIS A 322 -3.70 -5.88 -2.12
CA HIS A 322 -2.63 -4.94 -1.83
C HIS A 322 -2.26 -4.05 -3.02
N SER A 323 -1.85 -2.82 -2.71
CA SER A 323 -1.47 -1.83 -3.71
C SER A 323 -0.44 -2.31 -4.74
N PHE A 324 0.33 -3.33 -4.37
CA PHE A 324 1.36 -3.89 -5.23
C PHE A 324 0.75 -4.58 -6.45
N PHE A 325 -0.49 -5.04 -6.28
CA PHE A 325 -1.16 -5.73 -7.36
C PHE A 325 -2.09 -4.82 -8.18
N ASP A 326 -2.11 -3.54 -7.86
CA ASP A 326 -2.97 -2.60 -8.58
C ASP A 326 -2.83 -2.72 -10.09
N GLU A 327 -1.61 -2.85 -10.58
CA GLU A 327 -1.39 -2.98 -12.02
C GLU A 327 -2.09 -4.19 -12.65
N LEU A 328 -2.40 -5.21 -11.87
CA LEU A 328 -3.07 -6.39 -12.40
C LEU A 328 -4.56 -6.08 -12.59
N ARG A 329 -5.04 -5.09 -11.86
CA ARG A 329 -6.44 -4.69 -11.91
C ARG A 329 -6.69 -3.60 -12.97
N ASP A 330 -5.65 -3.23 -13.70
CA ASP A 330 -5.72 -2.23 -14.74
C ASP A 330 -6.21 -2.90 -16.04
N PRO A 331 -7.22 -2.30 -16.71
CA PRO A 331 -7.81 -2.81 -17.96
C PRO A 331 -6.87 -3.01 -19.14
N ASN A 332 -5.88 -2.13 -19.26
CA ASN A 332 -4.92 -2.18 -20.37
C ASN A 332 -3.85 -3.23 -20.23
N VAL A 333 -3.53 -3.60 -18.99
CA VAL A 333 -2.48 -4.58 -18.71
C VAL A 333 -2.46 -5.79 -19.62
N LYS A 334 -1.24 -6.19 -20.00
CA LYS A 334 -1.00 -7.34 -20.86
C LYS A 334 0.35 -7.94 -20.47
N LEU A 335 0.61 -9.18 -20.89
CA LEU A 335 1.87 -9.83 -20.58
C LEU A 335 2.95 -9.26 -21.50
N PRO A 336 4.21 -9.27 -21.07
CA PRO A 336 5.33 -8.74 -21.88
C PRO A 336 5.33 -9.29 -23.32
N ASN A 337 4.52 -10.31 -23.54
CA ASN A 337 4.40 -10.94 -24.84
C ASN A 337 3.02 -10.72 -25.47
N GLY A 338 2.46 -9.53 -25.26
CA GLY A 338 1.15 -9.20 -25.80
C GLY A 338 -0.04 -10.03 -25.36
N ARG A 339 0.22 -11.23 -24.83
CA ARG A 339 -0.84 -12.13 -24.37
C ARG A 339 -1.67 -11.52 -23.24
N ASP A 340 -2.84 -12.11 -23.03
CA ASP A 340 -3.73 -11.66 -21.96
C ASP A 340 -3.31 -12.28 -20.64
N THR A 341 -3.74 -11.64 -19.55
CA THR A 341 -3.44 -12.15 -18.23
C THR A 341 -4.51 -13.18 -17.87
N PRO A 342 -4.11 -14.28 -17.21
CA PRO A 342 -5.08 -15.31 -16.84
C PRO A 342 -6.27 -14.72 -16.09
N ALA A 343 -7.20 -15.59 -15.69
CA ALA A 343 -8.39 -15.16 -14.96
C ALA A 343 -7.93 -14.70 -13.58
N LEU A 344 -8.07 -13.41 -13.30
CA LEU A 344 -7.62 -12.92 -12.01
C LEU A 344 -8.75 -12.48 -11.11
N PHE A 345 -9.95 -12.32 -11.68
CA PHE A 345 -11.04 -11.84 -10.85
C PHE A 345 -12.28 -12.71 -10.76
N ASN A 346 -12.16 -13.95 -11.22
CA ASN A 346 -13.29 -14.87 -11.15
C ASN A 346 -13.44 -15.43 -9.72
N PHE A 347 -13.53 -14.55 -8.73
CA PHE A 347 -13.65 -14.99 -7.34
C PHE A 347 -15.02 -15.62 -7.04
N THR A 348 -15.00 -16.68 -6.24
CA THR A 348 -16.23 -17.36 -5.86
C THR A 348 -16.59 -16.93 -4.44
N THR A 349 -17.78 -17.33 -4.01
CA THR A 349 -18.24 -16.99 -2.67
C THR A 349 -17.30 -17.60 -1.66
N GLN A 350 -16.97 -18.87 -1.88
CA GLN A 350 -16.07 -19.63 -1.03
C GLN A 350 -14.77 -18.85 -0.82
N GLU A 351 -14.19 -18.47 -1.94
CA GLU A 351 -12.94 -17.73 -1.99
C GLU A 351 -12.98 -16.37 -1.29
N LEU A 352 -14.15 -15.74 -1.28
CA LEU A 352 -14.32 -14.42 -0.66
C LEU A 352 -14.87 -14.45 0.76
N SER A 353 -15.35 -15.61 1.19
CA SER A 353 -15.94 -15.79 2.51
C SER A 353 -15.32 -15.04 3.68
N SER A 354 -14.00 -15.09 3.81
CA SER A 354 -13.31 -14.43 4.92
C SER A 354 -13.62 -12.94 5.07
N ASN A 355 -13.93 -12.28 3.96
CA ASN A 355 -14.22 -10.87 3.98
C ASN A 355 -14.90 -10.55 2.66
N PRO A 356 -16.15 -11.01 2.51
CA PRO A 356 -16.93 -10.80 1.29
C PRO A 356 -16.92 -9.39 0.71
N PRO A 357 -17.02 -8.35 1.56
CA PRO A 357 -17.00 -6.99 1.03
C PRO A 357 -15.73 -6.54 0.28
N LEU A 358 -14.60 -7.17 0.58
CA LEU A 358 -13.37 -6.84 -0.13
C LEU A 358 -13.58 -7.13 -1.59
N ALA A 359 -14.62 -7.89 -1.89
CA ALA A 359 -14.93 -8.27 -3.27
C ALA A 359 -15.02 -7.06 -4.18
N THR A 360 -15.46 -5.94 -3.63
CA THR A 360 -15.61 -4.71 -4.43
C THR A 360 -14.28 -4.07 -4.83
N ILE A 361 -13.22 -4.42 -4.11
CA ILE A 361 -11.90 -3.87 -4.37
C ILE A 361 -11.07 -4.81 -5.25
N LEU A 362 -11.26 -6.11 -5.04
CA LEU A 362 -10.55 -7.14 -5.78
C LEU A 362 -11.07 -7.22 -7.20
N ILE A 363 -12.38 -7.06 -7.34
CA ILE A 363 -13.00 -7.14 -8.65
C ILE A 363 -13.23 -5.79 -9.28
N PRO A 364 -12.37 -5.44 -10.25
CA PRO A 364 -12.40 -4.17 -10.98
C PRO A 364 -13.77 -3.95 -11.63
N PRO A 365 -14.29 -2.71 -11.57
CA PRO A 365 -15.60 -2.53 -12.21
C PRO A 365 -15.54 -2.82 -13.70
N HIS A 366 -14.33 -3.07 -14.20
CA HIS A 366 -14.14 -3.37 -15.62
C HIS A 366 -14.08 -4.88 -15.86
N ALA A 367 -14.47 -5.66 -14.85
CA ALA A 367 -14.47 -7.12 -14.96
C ALA A 367 -15.85 -7.66 -14.61
N ARG A 368 -16.66 -6.79 -14.01
CA ARG A 368 -18.02 -7.15 -13.65
C ARG A 368 -18.72 -7.51 -14.96
N ILE A 369 -19.34 -8.69 -14.98
CA ILE A 369 -20.04 -9.23 -16.16
C ILE A 369 -21.47 -8.71 -16.35
N GLN A 370 -22.07 -9.00 -17.43
N VAL B 13 -13.73 57.56 17.43
CA VAL B 13 -13.53 56.11 17.78
C VAL B 13 -12.77 55.96 19.10
N SER B 14 -13.10 54.91 19.84
CA SER B 14 -12.43 54.65 21.12
C SER B 14 -11.80 53.27 21.21
N ARG B 15 -11.12 53.05 22.33
CA ARG B 15 -10.38 51.83 22.62
C ARG B 15 -11.04 51.06 23.77
N ASP B 16 -10.49 49.90 24.11
CA ASP B 16 -11.04 49.08 25.20
C ASP B 16 -10.29 49.33 26.52
N LYS B 17 -10.55 48.51 27.52
CA LYS B 17 -9.89 48.67 28.81
C LYS B 17 -8.40 48.89 28.66
N ASP B 18 -7.79 48.11 27.77
CA ASP B 18 -6.35 48.16 27.55
C ASP B 18 -5.86 49.15 26.47
N GLY B 19 -6.77 49.99 25.98
CA GLY B 19 -6.40 50.98 24.98
C GLY B 19 -6.26 50.54 23.52
N SER B 20 -6.89 49.43 23.14
CA SER B 20 -6.82 48.94 21.76
C SER B 20 -8.08 49.30 20.99
N LYS B 21 -7.89 49.81 19.77
CA LYS B 21 -9.00 50.19 18.90
C LYS B 21 -9.98 49.01 18.91
N VAL B 22 -11.27 49.30 19.08
CA VAL B 22 -12.29 48.23 19.07
C VAL B 22 -13.24 48.36 17.89
N THR B 23 -12.95 47.59 16.85
CA THR B 23 -13.74 47.57 15.63
C THR B 23 -15.03 46.78 15.80
N THR B 24 -16.12 47.31 15.23
CA THR B 24 -17.43 46.66 15.26
C THR B 24 -18.00 46.68 13.84
N VAL B 25 -18.47 45.54 13.36
CA VAL B 25 -19.00 45.47 12.02
C VAL B 25 -20.22 44.58 11.93
N VAL B 26 -20.90 44.65 10.78
CA VAL B 26 -22.07 43.83 10.52
C VAL B 26 -21.58 42.69 9.64
N ALA B 27 -21.49 41.51 10.22
CA ALA B 27 -21.00 40.34 9.51
C ALA B 27 -22.08 39.30 9.35
N THR B 28 -21.89 38.44 8.36
CA THR B 28 -22.84 37.37 8.13
C THR B 28 -22.07 36.12 8.56
N PRO B 29 -22.66 35.31 9.45
CA PRO B 29 -21.89 34.12 9.82
C PRO B 29 -21.81 33.25 8.55
N GLY B 30 -20.61 32.80 8.19
CA GLY B 30 -20.48 31.98 7.00
C GLY B 30 -21.01 30.57 7.16
N GLN B 31 -21.34 30.20 8.40
CA GLN B 31 -21.82 28.86 8.74
C GLN B 31 -23.19 28.45 8.20
N GLY B 32 -24.26 28.85 8.89
CA GLY B 32 -25.61 28.47 8.46
C GLY B 32 -26.58 29.59 8.13
N PRO B 33 -27.46 29.98 9.07
CA PRO B 33 -28.48 31.05 8.94
C PRO B 33 -27.97 32.43 8.49
N ASP B 34 -28.13 32.70 7.19
CA ASP B 34 -27.68 33.93 6.54
C ASP B 34 -28.36 35.21 7.07
N ARG B 35 -27.89 35.72 8.20
CA ARG B 35 -28.46 36.94 8.76
C ARG B 35 -27.38 37.79 9.43
N PRO B 36 -27.27 39.06 9.02
CA PRO B 36 -26.28 40.00 9.57
C PRO B 36 -26.26 40.04 11.08
N GLN B 37 -25.06 40.02 11.63
CA GLN B 37 -24.83 40.06 13.07
C GLN B 37 -23.82 41.16 13.35
N GLU B 38 -23.71 41.55 14.62
CA GLU B 38 -22.77 42.57 15.03
C GLU B 38 -21.58 41.92 15.73
N VAL B 39 -20.43 41.92 15.07
CA VAL B 39 -19.24 41.33 15.66
C VAL B 39 -18.25 42.42 15.98
N SER B 40 -17.68 42.35 17.18
CA SER B 40 -16.69 43.34 17.62
C SER B 40 -15.37 42.63 17.91
N TYR B 41 -14.27 43.27 17.50
CA TYR B 41 -12.97 42.68 17.73
C TYR B 41 -11.92 43.74 18.06
N THR B 42 -10.85 43.31 18.71
CA THR B 42 -9.79 44.22 19.07
C THR B 42 -8.44 43.53 18.94
N ASP B 43 -7.36 44.29 19.14
CA ASP B 43 -6.00 43.76 19.05
C ASP B 43 -5.72 43.32 17.63
N THR B 44 -5.98 44.23 16.70
CA THR B 44 -5.80 44.01 15.28
C THR B 44 -4.38 44.33 14.82
N LYS B 45 -3.69 43.36 14.23
CA LYS B 45 -2.33 43.57 13.76
C LYS B 45 -2.02 42.73 12.54
N VAL B 46 -1.38 43.35 11.54
CA VAL B 46 -1.04 42.64 10.31
C VAL B 46 -0.12 41.48 10.65
N ILE B 47 -0.40 40.31 10.08
CA ILE B 47 0.42 39.13 10.32
C ILE B 47 0.69 38.38 9.02
N GLY B 48 0.24 38.93 7.90
CA GLY B 48 0.45 38.27 6.61
C GLY B 48 0.11 39.13 5.41
N ASN B 49 0.89 38.98 4.33
CA ASN B 49 0.65 39.76 3.11
C ASN B 49 0.69 38.96 1.82
N GLY B 50 0.70 39.69 0.71
CA GLY B 50 0.72 39.06 -0.58
C GLY B 50 -0.01 39.96 -1.57
N SER B 51 0.06 39.59 -2.84
CA SER B 51 -0.59 40.34 -3.91
C SER B 51 -2.12 40.29 -3.73
N PHE B 52 -2.62 39.16 -3.23
CA PHE B 52 -4.05 38.94 -3.01
C PHE B 52 -4.62 39.90 -1.97
N GLY B 53 -3.84 40.16 -0.92
CA GLY B 53 -4.30 41.06 0.13
C GLY B 53 -3.50 40.93 1.40
N VAL B 54 -4.07 41.42 2.50
CA VAL B 54 -3.42 41.39 3.81
C VAL B 54 -4.20 40.53 4.79
N VAL B 55 -3.46 39.86 5.68
CA VAL B 55 -4.07 39.02 6.70
C VAL B 55 -3.84 39.61 8.08
N TYR B 56 -4.89 39.78 8.87
CA TYR B 56 -4.74 40.34 10.20
C TYR B 56 -5.07 39.33 11.26
N GLN B 57 -4.77 39.70 12.50
CA GLN B 57 -5.07 38.88 13.65
C GLN B 57 -5.77 39.83 14.61
N ALA B 58 -6.88 39.36 15.18
CA ALA B 58 -7.64 40.16 16.12
C ALA B 58 -8.17 39.26 17.21
N LYS B 59 -8.91 39.85 18.13
CA LYS B 59 -9.48 39.09 19.23
C LYS B 59 -10.93 39.50 19.38
N LEU B 60 -11.82 38.51 19.33
CA LEU B 60 -13.25 38.76 19.48
C LEU B 60 -13.52 39.35 20.86
N CYS B 61 -14.51 40.23 20.97
CA CYS B 61 -14.82 40.83 22.26
C CYS B 61 -15.82 39.96 23.02
N ASP B 62 -16.86 39.52 22.32
CA ASP B 62 -17.88 38.67 22.91
C ASP B 62 -17.30 37.42 23.56
N SER B 63 -16.45 36.71 22.82
CA SER B 63 -15.83 35.48 23.29
C SER B 63 -14.30 35.55 23.51
N GLY B 64 -13.71 36.71 23.28
CA GLY B 64 -12.27 36.85 23.47
C GLY B 64 -11.41 35.89 22.65
N GLU B 65 -12.06 35.12 21.79
CA GLU B 65 -11.36 34.15 20.97
C GLU B 65 -10.61 34.83 19.84
N LEU B 66 -9.36 34.43 19.65
CA LEU B 66 -8.54 35.00 18.58
C LEU B 66 -8.97 34.48 17.21
N VAL B 67 -8.90 35.38 16.23
CA VAL B 67 -9.28 35.07 14.86
C VAL B 67 -8.32 35.67 13.86
N ALA B 68 -8.43 35.20 12.62
CA ALA B 68 -7.59 35.72 11.57
C ALA B 68 -8.58 36.39 10.64
N ILE B 69 -8.26 37.60 10.21
CA ILE B 69 -9.15 38.32 9.32
C ILE B 69 -8.43 38.61 8.02
N LYS B 70 -8.88 37.96 6.95
CA LYS B 70 -8.27 38.15 5.65
C LYS B 70 -9.12 39.18 4.88
N LYS B 71 -8.48 40.29 4.51
CA LYS B 71 -9.14 41.37 3.79
C LYS B 71 -8.69 41.37 2.33
N VAL B 72 -9.63 41.22 1.41
CA VAL B 72 -9.29 41.18 -0.02
C VAL B 72 -10.00 42.25 -0.86
N LEU B 73 -9.28 42.82 -1.82
CA LEU B 73 -9.84 43.81 -2.72
C LEU B 73 -10.64 43.00 -3.73
N GLN B 74 -11.95 43.23 -3.74
CA GLN B 74 -12.84 42.49 -4.62
C GLN B 74 -13.60 43.40 -5.58
N ASP B 75 -14.04 42.82 -6.69
CA ASP B 75 -14.81 43.56 -7.67
C ASP B 75 -16.28 43.24 -7.46
N LYS B 76 -17.07 44.27 -7.16
CA LYS B 76 -18.51 44.14 -6.90
C LYS B 76 -19.24 43.35 -7.98
N ARG B 77 -18.83 43.59 -9.23
CA ARG B 77 -19.45 42.94 -10.36
C ARG B 77 -19.31 41.42 -10.38
N PHE B 78 -18.26 40.91 -9.74
CA PHE B 78 -18.04 39.47 -9.72
C PHE B 78 -18.04 38.93 -8.30
N LYS B 79 -18.32 37.63 -8.20
CA LYS B 79 -18.33 36.97 -6.91
C LYS B 79 -16.90 36.62 -6.54
N ASN B 80 -16.65 36.48 -5.24
CA ASN B 80 -15.32 36.11 -4.77
C ASN B 80 -15.30 34.60 -4.61
N ARG B 81 -14.42 33.95 -5.37
CA ARG B 81 -14.28 32.49 -5.34
C ARG B 81 -14.09 31.96 -3.93
N GLU B 82 -13.08 32.51 -3.26
CA GLU B 82 -12.77 32.08 -1.90
C GLU B 82 -14.01 32.07 -1.02
N LEU B 83 -14.78 33.15 -1.04
CA LEU B 83 -15.98 33.21 -0.22
C LEU B 83 -16.98 32.14 -0.66
N GLN B 84 -17.19 32.03 -1.97
CA GLN B 84 -18.13 31.04 -2.46
C GLN B 84 -17.78 29.63 -2.01
N ILE B 85 -16.53 29.24 -2.25
CA ILE B 85 -16.05 27.93 -1.86
C ILE B 85 -16.20 27.72 -0.36
N MET B 86 -15.71 28.69 0.40
CA MET B 86 -15.77 28.62 1.86
C MET B 86 -17.18 28.44 2.43
N ARG B 87 -18.18 29.02 1.77
CA ARG B 87 -19.54 28.88 2.26
C ARG B 87 -20.12 27.50 2.01
N LYS B 88 -19.53 26.76 1.07
CA LYS B 88 -20.00 25.41 0.75
C LYS B 88 -19.43 24.39 1.74
N LEU B 89 -18.18 24.63 2.13
CA LEU B 89 -17.43 23.74 3.01
C LEU B 89 -17.79 23.70 4.48
N ASP B 90 -18.02 22.48 4.94
CA ASP B 90 -18.33 22.19 6.34
C ASP B 90 -17.68 20.84 6.61
N HIS B 91 -16.47 20.84 7.16
CA HIS B 91 -15.76 19.58 7.40
C HIS B 91 -14.77 19.74 8.55
N CYS B 92 -14.54 18.66 9.28
CA CYS B 92 -13.64 18.68 10.44
C CYS B 92 -12.17 18.98 10.12
N ASN B 93 -11.77 18.75 8.87
CA ASN B 93 -10.38 18.96 8.49
C ASN B 93 -10.20 20.16 7.59
N ILE B 94 -11.21 21.03 7.59
CA ILE B 94 -11.16 22.26 6.80
C ILE B 94 -11.34 23.41 7.82
N VAL B 95 -10.56 24.47 7.66
CA VAL B 95 -10.70 25.60 8.57
C VAL B 95 -12.10 26.16 8.41
N ARG B 96 -12.71 26.59 9.50
CA ARG B 96 -14.07 27.10 9.42
C ARG B 96 -14.18 28.62 9.31
N LEU B 97 -15.00 29.07 8.35
CA LEU B 97 -15.24 30.49 8.15
C LEU B 97 -16.24 30.94 9.23
N ARG B 98 -15.79 31.73 10.20
CA ARG B 98 -16.70 32.19 11.24
C ARG B 98 -17.73 33.19 10.69
N TYR B 99 -17.24 34.31 10.15
CA TYR B 99 -18.11 35.32 9.56
C TYR B 99 -17.39 35.94 8.38
N PHE B 100 -18.02 36.95 7.82
CA PHE B 100 -17.43 37.69 6.73
C PHE B 100 -18.23 38.97 6.62
N PHE B 101 -17.57 40.04 6.23
CA PHE B 101 -18.22 41.32 6.10
C PHE B 101 -17.47 42.15 5.08
N TYR B 102 -18.08 43.25 4.64
CA TYR B 102 -17.45 44.10 3.65
C TYR B 102 -16.97 45.42 4.20
N SER B 103 -15.94 45.96 3.56
CA SER B 103 -15.38 47.24 3.91
C SER B 103 -15.59 48.09 2.69
N SER B 104 -15.62 49.41 2.89
CA SER B 104 -15.80 50.30 1.77
C SER B 104 -14.52 50.20 0.95
N GLY B 105 -14.65 49.94 -0.35
CA GLY B 105 -13.47 49.85 -1.19
C GLY B 105 -12.85 51.23 -1.30
N GLU B 106 -12.67 51.71 -2.52
CA GLU B 106 -12.09 53.03 -2.74
C GLU B 106 -12.56 53.50 -4.09
N LYS B 107 -12.41 52.66 -5.09
CA LYS B 107 -12.87 52.99 -6.42
C LYS B 107 -14.34 52.57 -6.43
N LYS B 108 -15.10 53.10 -7.37
CA LYS B 108 -16.53 52.77 -7.47
C LYS B 108 -16.82 51.29 -7.77
N ASP B 109 -15.87 50.60 -8.40
CA ASP B 109 -16.02 49.19 -8.77
C ASP B 109 -15.57 48.21 -7.67
N GLU B 110 -14.52 48.59 -6.95
CA GLU B 110 -13.94 47.77 -5.90
C GLU B 110 -14.62 47.83 -4.53
N VAL B 111 -14.30 46.85 -3.70
CA VAL B 111 -14.86 46.74 -2.36
C VAL B 111 -13.93 45.77 -1.63
N TYR B 112 -14.00 45.72 -0.30
CA TYR B 112 -13.15 44.82 0.49
C TYR B 112 -13.94 43.72 1.16
N LEU B 113 -13.54 42.48 0.94
CA LEU B 113 -14.21 41.36 1.56
C LEU B 113 -13.34 40.91 2.73
N ASN B 114 -13.94 40.74 3.90
CA ASN B 114 -13.17 40.32 5.05
C ASN B 114 -13.60 38.95 5.55
N LEU B 115 -12.67 38.00 5.53
CA LEU B 115 -12.95 36.66 5.98
C LEU B 115 -12.41 36.46 7.39
N VAL B 116 -13.33 36.21 8.32
CA VAL B 116 -13.01 36.00 9.73
C VAL B 116 -12.88 34.50 10.07
N LEU B 117 -11.64 34.05 10.15
CA LEU B 117 -11.33 32.65 10.41
C LEU B 117 -10.83 32.42 11.83
N ASP B 118 -10.80 31.16 12.22
CA ASP B 118 -10.31 30.78 13.55
C ASP B 118 -8.79 30.90 13.50
N TYR B 119 -8.21 31.39 14.58
CA TYR B 119 -6.76 31.52 14.61
C TYR B 119 -6.05 30.29 15.15
N VAL B 120 -5.17 29.73 14.32
CA VAL B 120 -4.36 28.58 14.69
C VAL B 120 -2.96 28.92 14.20
N PRO B 121 -2.03 29.15 15.15
CA PRO B 121 -0.64 29.50 14.86
C PRO B 121 0.23 28.31 14.47
N GLU B 122 -0.09 27.15 15.03
CA GLU B 122 0.71 25.98 14.72
C GLU B 122 0.31 25.35 13.40
N THR B 123 1.30 25.11 12.55
CA THR B 123 1.05 24.50 11.24
C THR B 123 2.01 23.34 11.02
N VAL B 124 1.60 22.40 10.17
CA VAL B 124 2.46 21.27 9.85
C VAL B 124 3.83 21.79 9.49
N TYR B 125 3.89 22.93 8.83
CA TYR B 125 5.19 23.47 8.46
C TYR B 125 6.05 23.85 9.65
N ARG B 126 5.44 24.43 10.68
CA ARG B 126 6.20 24.82 11.87
C ARG B 126 6.68 23.60 12.64
N VAL B 127 5.80 22.63 12.83
CA VAL B 127 6.18 21.40 13.53
C VAL B 127 7.38 20.76 12.83
N ALA B 128 7.32 20.72 11.50
CA ALA B 128 8.37 20.12 10.69
C ALA B 128 9.69 20.85 10.75
N ARG B 129 9.65 22.17 10.86
CA ARG B 129 10.88 22.97 10.93
C ARG B 129 11.53 22.74 12.29
N HIS B 130 10.69 22.59 13.31
CA HIS B 130 11.15 22.35 14.66
C HIS B 130 12.04 21.10 14.69
N TYR B 131 11.46 19.95 14.36
CA TYR B 131 12.22 18.72 14.36
C TYR B 131 13.48 18.75 13.51
N SER B 132 13.48 19.51 12.42
CA SER B 132 14.65 19.53 11.57
C SER B 132 15.80 20.30 12.23
N ARG B 133 15.48 21.39 12.90
CA ARG B 133 16.52 22.15 13.58
C ARG B 133 17.08 21.28 14.71
N ALA B 134 16.21 20.53 15.36
CA ALA B 134 16.61 19.64 16.43
C ALA B 134 17.25 18.39 15.85
N LYS B 135 17.74 18.51 14.61
CA LYS B 135 18.35 17.39 13.89
C LYS B 135 17.67 16.07 14.21
N GLN B 136 16.35 16.11 14.46
CA GLN B 136 15.61 14.90 14.79
C GLN B 136 14.62 14.53 13.68
N THR B 137 13.76 13.55 13.96
CA THR B 137 12.79 13.10 12.98
C THR B 137 11.36 13.03 13.50
N LEU B 138 10.42 13.51 12.68
CA LEU B 138 9.01 13.50 13.04
C LEU B 138 8.45 12.11 13.24
N PRO B 139 8.08 11.76 14.47
CA PRO B 139 7.52 10.45 14.79
C PRO B 139 6.49 10.05 13.74
N VAL B 140 6.75 8.95 13.05
CA VAL B 140 5.88 8.44 11.99
C VAL B 140 4.38 8.45 12.26
N ILE B 141 3.97 8.32 13.52
CA ILE B 141 2.55 8.31 13.77
C ILE B 141 1.97 9.67 13.45
N TYR B 142 2.75 10.72 13.66
CA TYR B 142 2.30 12.07 13.36
C TYR B 142 2.16 12.19 11.86
N VAL B 143 3.15 11.68 11.15
CA VAL B 143 3.12 11.70 9.71
C VAL B 143 1.84 11.02 9.22
N LYS B 144 1.55 9.83 9.74
CA LYS B 144 0.34 9.12 9.32
C LYS B 144 -0.92 9.90 9.71
N LEU B 145 -0.87 10.53 10.87
CA LEU B 145 -2.02 11.27 11.36
C LEU B 145 -2.30 12.51 10.53
N TYR B 146 -1.23 13.24 10.23
CA TYR B 146 -1.35 14.45 9.44
C TYR B 146 -1.76 14.14 8.02
N MET B 147 -0.95 13.35 7.34
CA MET B 147 -1.24 13.01 5.96
C MET B 147 -2.65 12.45 5.81
N TYR B 148 -3.04 11.57 6.71
CA TYR B 148 -4.37 11.01 6.62
C TYR B 148 -5.41 12.11 6.54
N GLN B 149 -5.40 12.99 7.54
CA GLN B 149 -6.35 14.10 7.59
C GLN B 149 -6.28 14.95 6.34
N LEU B 150 -5.08 15.18 5.83
CA LEU B 150 -4.91 15.98 4.62
C LEU B 150 -5.64 15.33 3.43
N PHE B 151 -5.43 14.04 3.21
CA PHE B 151 -6.10 13.36 2.11
C PHE B 151 -7.59 13.33 2.36
N ARG B 152 -7.97 13.35 3.63
CA ARG B 152 -9.38 13.31 3.94
C ARG B 152 -10.01 14.65 3.55
N SER B 153 -9.33 15.74 3.89
CA SER B 153 -9.85 17.07 3.55
C SER B 153 -9.87 17.21 2.01
N LEU B 154 -8.88 16.63 1.35
CA LEU B 154 -8.81 16.69 -0.10
C LEU B 154 -9.95 15.89 -0.71
N ALA B 155 -10.23 14.74 -0.13
CA ALA B 155 -11.30 13.87 -0.64
C ALA B 155 -12.62 14.62 -0.59
N TYR B 156 -12.84 15.36 0.48
CA TYR B 156 -14.07 16.10 0.64
C TYR B 156 -14.21 17.24 -0.37
N ILE B 157 -13.28 18.20 -0.37
CA ILE B 157 -13.40 19.31 -1.32
C ILE B 157 -13.43 18.83 -2.75
N HIS B 158 -12.54 17.89 -3.09
CA HIS B 158 -12.48 17.33 -4.44
C HIS B 158 -13.85 16.78 -4.85
N SER B 159 -14.67 16.39 -3.89
CA SER B 159 -16.00 15.87 -4.20
C SER B 159 -16.84 16.99 -4.79
N PHE B 160 -16.63 18.22 -4.33
CA PHE B 160 -17.37 19.37 -4.86
C PHE B 160 -16.70 19.91 -6.12
N GLY B 161 -15.76 19.17 -6.68
CA GLY B 161 -15.05 19.64 -7.86
C GLY B 161 -14.09 20.79 -7.58
N ILE B 162 -13.85 21.09 -6.30
CA ILE B 162 -12.95 22.18 -5.90
C ILE B 162 -11.50 21.74 -5.71
N CYS B 163 -10.58 22.45 -6.35
CA CYS B 163 -9.15 22.16 -6.25
C CYS B 163 -8.46 23.27 -5.46
N HIS B 164 -7.83 22.90 -4.36
CA HIS B 164 -7.14 23.86 -3.49
C HIS B 164 -6.09 24.67 -4.23
N ARG B 165 -5.27 23.99 -5.01
CA ARG B 165 -4.22 24.63 -5.80
C ARG B 165 -3.06 25.28 -5.07
N ASP B 166 -3.04 25.17 -3.75
CA ASP B 166 -1.92 25.74 -3.01
C ASP B 166 -1.64 24.90 -1.77
N ILE B 167 -1.38 23.63 -1.99
CA ILE B 167 -1.08 22.76 -0.88
C ILE B 167 0.39 22.73 -0.53
N LYS B 168 0.67 23.05 0.73
CA LYS B 168 2.02 23.08 1.27
C LYS B 168 1.89 23.05 2.81
N PRO B 169 2.96 22.63 3.51
CA PRO B 169 3.00 22.54 4.98
C PRO B 169 2.37 23.73 5.69
N GLN B 170 2.75 24.93 5.24
CA GLN B 170 2.30 26.18 5.81
C GLN B 170 0.78 26.31 5.89
N ASN B 171 0.10 25.69 4.93
CA ASN B 171 -1.35 25.75 4.88
C ASN B 171 -2.05 24.59 5.60
N LEU B 172 -1.31 23.84 6.41
CA LEU B 172 -1.89 22.73 7.17
C LEU B 172 -1.89 23.07 8.67
N LEU B 173 -3.06 23.42 9.19
CA LEU B 173 -3.18 23.82 10.59
C LEU B 173 -3.28 22.66 11.56
N LEU B 174 -2.66 22.83 12.72
CA LEU B 174 -2.64 21.80 13.75
C LEU B 174 -3.07 22.29 15.11
N ASP B 175 -3.87 21.49 15.80
CA ASP B 175 -4.24 21.84 17.16
C ASP B 175 -3.19 21.09 17.95
N PRO B 176 -2.37 21.83 18.72
CA PRO B 176 -1.31 21.21 19.52
C PRO B 176 -1.74 20.00 20.35
N ASP B 177 -2.86 20.14 21.05
CA ASP B 177 -3.36 19.07 21.91
C ASP B 177 -3.90 17.85 21.17
N THR B 178 -5.04 18.03 20.52
CA THR B 178 -5.74 16.97 19.79
C THR B 178 -5.09 16.40 18.53
N ALA B 179 -4.13 17.11 17.96
CA ALA B 179 -3.45 16.65 16.75
C ALA B 179 -4.37 16.70 15.52
N VAL B 180 -5.44 17.49 15.62
CA VAL B 180 -6.37 17.64 14.52
C VAL B 180 -5.79 18.58 13.48
N LEU B 181 -5.90 18.22 12.21
CA LEU B 181 -5.39 19.04 11.12
C LEU B 181 -6.54 19.66 10.32
N LYS B 182 -6.43 20.96 10.08
CA LYS B 182 -7.43 21.68 9.30
C LYS B 182 -6.73 22.37 8.16
N LEU B 183 -7.21 22.10 6.94
CA LEU B 183 -6.67 22.69 5.73
C LEU B 183 -7.20 24.12 5.60
N CYS B 184 -6.32 25.06 5.25
CA CYS B 184 -6.73 26.46 5.12
C CYS B 184 -6.18 27.16 3.90
N ASP B 185 -6.44 28.47 3.84
CA ASP B 185 -6.01 29.35 2.76
C ASP B 185 -6.49 28.93 1.37
N PHE B 186 -7.76 29.15 1.07
CA PHE B 186 -8.32 28.78 -0.23
C PHE B 186 -8.24 29.92 -1.25
N GLY B 187 -7.29 30.82 -1.05
CA GLY B 187 -7.13 31.94 -1.95
C GLY B 187 -6.75 31.55 -3.37
N SER B 188 -6.29 30.32 -3.57
CA SER B 188 -5.92 29.87 -4.90
C SER B 188 -6.89 28.83 -5.39
N ALA B 189 -7.73 28.35 -4.49
CA ALA B 189 -8.70 27.34 -4.84
C ALA B 189 -9.61 27.83 -5.97
N LYS B 190 -10.17 26.89 -6.69
CA LYS B 190 -11.05 27.21 -7.78
C LYS B 190 -11.86 25.97 -8.10
N GLN B 191 -13.14 26.14 -8.38
CA GLN B 191 -13.92 24.99 -8.73
C GLN B 191 -13.65 24.73 -10.19
N LEU B 192 -12.97 23.63 -10.47
CA LEU B 192 -12.62 23.25 -11.81
C LEU B 192 -13.82 22.80 -12.65
N VAL B 193 -13.78 23.13 -13.93
CA VAL B 193 -14.84 22.74 -14.85
C VAL B 193 -14.14 22.23 -16.08
N ARG B 194 -14.40 20.97 -16.43
CA ARG B 194 -13.77 20.41 -17.61
C ARG B 194 -14.10 21.31 -18.77
N GLY B 195 -13.07 21.67 -19.54
CA GLY B 195 -13.28 22.55 -20.68
C GLY B 195 -12.76 23.96 -20.42
N GLU B 196 -13.18 24.53 -19.29
CA GLU B 196 -12.76 25.88 -18.91
C GLU B 196 -11.31 25.82 -18.44
N PRO B 197 -10.41 26.51 -19.16
CA PRO B 197 -8.96 26.55 -18.87
C PRO B 197 -8.60 27.12 -17.50
N ASN B 198 -7.49 26.63 -16.96
CA ASN B 198 -7.01 27.05 -15.66
C ASN B 198 -5.57 27.49 -15.80
N VAL B 199 -5.18 28.52 -15.05
CA VAL B 199 -3.83 29.05 -15.11
C VAL B 199 -2.74 27.99 -14.77
N SER B 200 -1.62 28.03 -15.48
CA SER B 200 -0.57 27.05 -15.22
C SER B 200 0.33 27.40 -14.05
N ILE B 202 0.79 28.10 -10.89
CA ILE B 202 -0.04 28.07 -9.70
C ILE B 202 0.69 27.19 -8.69
N CYS B 203 0.32 27.28 -7.41
CA CYS B 203 0.97 26.52 -6.33
C CYS B 203 2.36 27.07 -6.01
N SER B 204 2.85 26.75 -4.82
CA SER B 204 4.19 27.19 -4.44
C SER B 204 5.13 26.37 -5.30
N ARG B 205 6.21 26.99 -5.75
CA ARG B 205 7.16 26.30 -6.62
C ARG B 205 7.52 24.86 -6.21
N TYR B 206 7.92 24.65 -4.96
CA TYR B 206 8.32 23.32 -4.48
C TYR B 206 7.26 22.23 -4.51
N TYR B 207 5.99 22.61 -4.50
CA TYR B 207 4.91 21.64 -4.49
C TYR B 207 4.08 21.58 -5.78
N ARG B 208 4.56 22.26 -6.83
CA ARG B 208 3.90 22.33 -8.13
C ARG B 208 4.01 21.07 -9.00
N ALA B 209 2.87 20.52 -9.40
CA ALA B 209 2.81 19.30 -10.24
C ALA B 209 3.54 19.52 -11.56
N PRO B 210 4.09 18.44 -12.17
CA PRO B 210 4.82 18.58 -13.44
C PRO B 210 4.01 19.19 -14.57
N GLU B 211 2.77 18.73 -14.75
CA GLU B 211 1.95 19.24 -15.83
C GLU B 211 1.86 20.77 -15.84
N LEU B 212 1.81 21.35 -14.64
CA LEU B 212 1.73 22.80 -14.50
C LEU B 212 3.04 23.42 -15.03
N ILE B 213 4.15 22.76 -14.77
CA ILE B 213 5.44 23.25 -15.23
C ILE B 213 5.51 23.10 -16.75
N PHE B 214 4.65 22.24 -17.28
CA PHE B 214 4.59 21.99 -18.72
C PHE B 214 3.51 22.80 -19.41
N GLY B 215 2.85 23.69 -18.68
CA GLY B 215 1.81 24.52 -19.28
C GLY B 215 0.40 23.95 -19.34
N ALA B 216 0.15 22.84 -18.65
CA ALA B 216 -1.19 22.28 -18.66
C ALA B 216 -2.16 23.32 -18.13
N THR B 217 -3.26 23.52 -18.85
CA THR B 217 -4.26 24.47 -18.41
C THR B 217 -5.54 23.68 -18.33
N ASP B 218 -5.41 22.39 -18.60
CA ASP B 218 -6.53 21.47 -18.59
C ASP B 218 -6.28 20.45 -17.49
N TYR B 219 -5.49 20.83 -16.50
CA TYR B 219 -5.17 19.93 -15.39
C TYR B 219 -6.36 19.70 -14.47
N THR B 220 -6.31 18.62 -13.71
CA THR B 220 -7.38 18.29 -12.78
C THR B 220 -6.95 18.47 -11.34
N SER B 221 -7.85 18.13 -10.43
CA SER B 221 -7.57 18.28 -9.01
C SER B 221 -6.54 17.28 -8.51
N SER B 222 -5.94 16.52 -9.43
CA SER B 222 -4.91 15.58 -9.04
C SER B 222 -3.59 16.33 -8.82
N ILE B 223 -3.60 17.64 -9.09
CA ILE B 223 -2.40 18.45 -8.85
C ILE B 223 -2.29 18.59 -7.34
N ASP B 224 -3.41 18.46 -6.65
CA ASP B 224 -3.39 18.55 -5.20
C ASP B 224 -2.76 17.29 -4.63
N VAL B 225 -2.98 16.14 -5.27
CA VAL B 225 -2.39 14.89 -4.81
C VAL B 225 -0.86 14.93 -4.94
N TRP B 226 -0.38 15.50 -6.03
CA TRP B 226 1.05 15.62 -6.22
C TRP B 226 1.63 16.39 -5.06
N SER B 227 1.08 17.57 -4.80
CA SER B 227 1.53 18.42 -3.71
C SER B 227 1.52 17.68 -2.39
N ALA B 228 0.52 16.83 -2.21
CA ALA B 228 0.40 16.05 -0.99
C ALA B 228 1.61 15.12 -0.88
N GLY B 229 1.99 14.50 -1.99
CA GLY B 229 3.14 13.61 -2.00
C GLY B 229 4.42 14.37 -1.67
N CYS B 230 4.45 15.65 -2.04
CA CYS B 230 5.59 16.48 -1.76
C CYS B 230 5.65 16.75 -0.25
N VAL B 231 4.48 16.94 0.39
CA VAL B 231 4.41 17.18 1.83
C VAL B 231 4.80 15.90 2.59
N LEU B 232 4.21 14.78 2.17
CA LEU B 232 4.50 13.49 2.78
C LEU B 232 6.00 13.31 2.69
N ALA B 233 6.54 13.49 1.49
CA ALA B 233 7.97 13.34 1.27
C ALA B 233 8.80 14.29 2.12
N GLU B 234 8.28 15.49 2.39
CA GLU B 234 9.00 16.47 3.20
C GLU B 234 9.06 16.02 4.65
N LEU B 235 8.00 15.41 5.12
CA LEU B 235 7.95 14.93 6.50
C LEU B 235 8.90 13.77 6.72
N LEU B 236 9.15 13.00 5.68
CA LEU B 236 10.05 11.86 5.78
C LEU B 236 11.52 12.25 5.65
N LEU B 237 11.78 13.32 4.93
CA LEU B 237 13.14 13.79 4.69
C LEU B 237 13.59 14.86 5.65
N GLY B 238 12.65 15.66 6.12
CA GLY B 238 12.99 16.74 7.04
C GLY B 238 13.31 17.99 6.23
N GLN B 239 12.83 18.02 4.99
CA GLN B 239 13.07 19.14 4.09
C GLN B 239 12.36 18.89 2.76
N PRO B 240 12.14 19.93 1.96
CA PRO B 240 11.48 19.83 0.65
C PRO B 240 12.18 18.82 -0.25
N ILE B 241 11.39 17.97 -0.90
CA ILE B 241 11.96 16.98 -1.79
C ILE B 241 12.43 17.62 -3.10
N PHE B 242 11.65 18.58 -3.62
CA PHE B 242 12.00 19.26 -4.87
C PHE B 242 12.13 20.77 -4.67
N PRO B 243 13.30 21.25 -4.23
CA PRO B 243 13.47 22.68 -4.02
C PRO B 243 14.11 23.43 -5.20
N GLY B 244 13.34 23.67 -6.27
CA GLY B 244 13.86 24.36 -7.44
C GLY B 244 14.03 25.86 -7.19
N ASP B 245 15.04 26.46 -7.82
CA ASP B 245 15.31 27.89 -7.64
C ASP B 245 14.43 28.69 -8.59
N SER B 246 14.26 28.14 -9.79
CA SER B 246 13.45 28.76 -10.82
C SER B 246 12.44 27.71 -11.26
N GLY B 247 11.53 28.09 -12.14
CA GLY B 247 10.53 27.16 -12.63
C GLY B 247 11.14 26.10 -13.52
N VAL B 248 12.25 26.42 -14.17
CA VAL B 248 12.91 25.46 -15.04
C VAL B 248 13.67 24.48 -14.15
N ASP B 249 14.27 25.02 -13.10
CA ASP B 249 15.03 24.22 -12.16
C ASP B 249 14.15 23.26 -11.35
N GLN B 250 12.92 23.67 -11.09
CA GLN B 250 11.99 22.84 -10.35
C GLN B 250 11.80 21.53 -11.11
N LEU B 251 11.80 21.62 -12.44
CA LEU B 251 11.63 20.43 -13.25
C LEU B 251 12.88 19.56 -13.12
N VAL B 252 14.02 20.22 -13.01
CA VAL B 252 15.31 19.55 -12.86
C VAL B 252 15.28 18.70 -11.58
N GLU B 253 14.89 19.33 -10.48
CA GLU B 253 14.77 18.65 -9.18
C GLU B 253 13.91 17.41 -9.33
N ILE B 254 12.81 17.56 -10.06
CA ILE B 254 11.90 16.45 -10.28
C ILE B 254 12.59 15.34 -11.08
N ILE B 255 13.25 15.70 -12.16
CA ILE B 255 13.91 14.70 -12.99
C ILE B 255 15.07 14.00 -12.29
N LYS B 256 15.63 14.66 -11.29
CA LYS B 256 16.72 14.06 -10.54
C LYS B 256 16.20 12.84 -9.78
N VAL B 257 14.91 12.82 -9.48
CA VAL B 257 14.31 11.71 -8.77
C VAL B 257 13.57 10.77 -9.70
N LEU B 258 12.61 11.31 -10.45
CA LEU B 258 11.80 10.51 -11.36
C LEU B 258 12.42 10.31 -12.75
N GLY B 259 13.54 11.00 -13.00
CA GLY B 259 14.19 10.90 -14.30
C GLY B 259 13.29 11.63 -15.31
N THR B 260 13.50 11.38 -16.59
CA THR B 260 12.69 12.04 -17.61
C THR B 260 11.37 11.32 -17.83
N PRO B 261 10.40 12.01 -18.43
CA PRO B 261 9.10 11.38 -18.67
C PRO B 261 9.17 10.53 -19.95
N THR B 262 8.07 9.82 -20.22
CA THR B 262 7.96 9.01 -21.42
C THR B 262 6.97 9.80 -22.27
N ARG B 263 7.06 9.69 -23.58
CA ARG B 263 6.13 10.43 -24.43
C ARG B 263 4.72 10.25 -23.90
N GLU B 264 4.44 9.05 -23.43
CA GLU B 264 3.13 8.72 -22.88
C GLU B 264 2.82 9.60 -21.67
N GLN B 265 3.83 9.83 -20.84
CA GLN B 265 3.64 10.68 -19.67
C GLN B 265 3.49 12.14 -20.08
N ILE B 266 4.34 12.60 -20.99
CA ILE B 266 4.28 13.99 -21.47
C ILE B 266 2.90 14.26 -22.08
N ARG B 267 2.42 13.29 -22.84
CA ARG B 267 1.14 13.34 -23.52
C ARG B 267 0.05 13.43 -22.45
N GLU B 268 0.31 12.80 -21.30
CA GLU B 268 -0.63 12.76 -20.19
C GLU B 268 -0.72 14.06 -19.40
N MET B 269 0.42 14.71 -19.21
CA MET B 269 0.49 15.96 -18.46
C MET B 269 0.02 17.13 -19.31
N ASN B 270 0.24 17.05 -20.61
CA ASN B 270 -0.17 18.11 -21.52
C ASN B 270 -0.13 17.68 -22.99
N PRO B 271 -1.27 17.22 -23.52
CA PRO B 271 -1.38 16.77 -24.90
C PRO B 271 -0.87 17.80 -25.90
N ASN B 272 -1.10 19.08 -25.59
CA ASN B 272 -0.67 20.14 -26.49
C ASN B 272 0.84 20.37 -26.44
N TYR B 273 1.56 19.61 -25.62
CA TYR B 273 3.00 19.80 -25.58
C TYR B 273 3.74 18.80 -26.45
N THR B 274 4.75 19.29 -27.18
CA THR B 274 5.53 18.47 -28.09
C THR B 274 7.03 18.72 -28.06
N GLU B 275 7.80 17.67 -27.80
CA GLU B 275 9.24 17.80 -27.81
C GLU B 275 9.75 16.61 -28.61
N PHE B 276 9.98 16.86 -29.90
CA PHE B 276 10.43 15.85 -30.84
C PHE B 276 11.53 14.92 -30.36
N LYS B 277 12.42 15.41 -29.49
CA LYS B 277 13.49 14.53 -28.98
C LYS B 277 14.23 15.16 -27.82
N PHE B 278 14.74 14.31 -26.92
CA PHE B 278 15.48 14.77 -25.75
C PHE B 278 16.28 13.63 -25.14
N PRO B 279 17.42 13.97 -24.50
CA PRO B 279 18.30 12.98 -23.86
C PRO B 279 17.62 12.41 -22.63
N GLN B 280 17.61 11.09 -22.50
CA GLN B 280 16.95 10.47 -21.37
C GLN B 280 17.75 10.22 -20.10
N ILE B 281 17.06 10.46 -18.99
CA ILE B 281 17.58 10.25 -17.65
C ILE B 281 16.69 9.20 -17.00
N LYS B 282 17.31 8.28 -16.27
CA LYS B 282 16.56 7.23 -15.61
C LYS B 282 16.24 7.65 -14.17
N ALA B 283 15.08 7.22 -13.70
CA ALA B 283 14.65 7.54 -12.35
C ALA B 283 15.61 7.02 -11.30
N HIS B 284 15.70 7.74 -10.20
CA HIS B 284 16.55 7.37 -9.10
C HIS B 284 15.75 6.37 -8.26
N PRO B 285 16.42 5.39 -7.63
CA PRO B 285 15.74 4.38 -6.78
C PRO B 285 15.00 5.04 -5.62
N TRP B 286 13.72 4.73 -5.47
CA TRP B 286 12.94 5.34 -4.40
C TRP B 286 13.49 5.09 -3.00
N THR B 287 14.00 3.88 -2.78
CA THR B 287 14.55 3.49 -1.49
C THR B 287 15.86 4.22 -1.17
N LYS B 288 16.49 4.77 -2.20
CA LYS B 288 17.74 5.52 -2.08
C LYS B 288 17.44 6.99 -1.80
N VAL B 289 16.28 7.45 -2.27
CA VAL B 289 15.83 8.84 -2.09
C VAL B 289 15.57 9.19 -0.62
N PHE B 290 14.99 8.24 0.14
CA PHE B 290 14.72 8.47 1.54
C PHE B 290 15.74 7.75 2.42
N ARG B 291 15.79 8.12 3.69
CA ARG B 291 16.70 7.48 4.62
C ARG B 291 16.32 6.01 4.76
N PRO B 292 17.27 5.17 5.20
CA PRO B 292 17.05 3.73 5.37
C PRO B 292 15.92 3.35 6.32
N ARG B 293 15.92 4.01 7.47
CA ARG B 293 14.93 3.75 8.51
C ARG B 293 13.52 4.19 8.14
N THR B 294 13.38 4.82 6.97
CA THR B 294 12.08 5.29 6.52
C THR B 294 11.24 4.05 6.24
N PRO B 295 10.05 3.95 6.87
CA PRO B 295 9.17 2.78 6.66
C PRO B 295 8.81 2.56 5.20
N PRO B 296 8.81 1.30 4.75
CA PRO B 296 8.50 0.95 3.36
C PRO B 296 7.16 1.47 2.87
N GLU B 297 6.13 1.36 3.71
CA GLU B 297 4.78 1.79 3.34
C GLU B 297 4.68 3.29 3.06
N ALA B 298 5.53 4.10 3.70
CA ALA B 298 5.49 5.53 3.45
C ALA B 298 6.09 5.78 2.08
N ILE B 299 7.25 5.18 1.83
CA ILE B 299 7.95 5.27 0.55
C ILE B 299 7.06 4.75 -0.58
N ALA B 300 6.35 3.65 -0.33
CA ALA B 300 5.48 3.06 -1.33
C ALA B 300 4.38 4.06 -1.68
N LEU B 301 3.66 4.51 -0.65
CA LEU B 301 2.58 5.47 -0.83
C LEU B 301 3.08 6.66 -1.61
N CYS B 302 4.20 7.20 -1.18
CA CYS B 302 4.78 8.37 -1.81
C CYS B 302 5.02 8.18 -3.30
N SER B 303 5.52 7.01 -3.68
CA SER B 303 5.79 6.74 -5.08
C SER B 303 4.51 6.64 -5.92
N ARG B 304 3.35 6.60 -5.25
CA ARG B 304 2.06 6.50 -5.94
C ARG B 304 1.39 7.86 -6.01
N LEU B 305 2.06 8.84 -5.45
CA LEU B 305 1.56 10.20 -5.44
C LEU B 305 2.43 11.02 -6.37
N LEU B 306 3.74 10.85 -6.22
CA LEU B 306 4.69 11.58 -7.06
C LEU B 306 4.95 10.84 -8.36
N GLU B 307 3.94 10.88 -9.23
CA GLU B 307 3.97 10.25 -10.54
C GLU B 307 3.74 11.30 -11.62
N TYR B 308 4.43 11.18 -12.75
CA TYR B 308 4.27 12.10 -13.88
C TYR B 308 2.85 12.08 -14.45
N THR B 309 2.32 10.89 -14.69
CA THR B 309 0.97 10.73 -15.23
C THR B 309 -0.12 11.02 -14.19
N PRO B 310 -0.77 12.21 -14.29
CA PRO B 310 -1.83 12.64 -13.37
C PRO B 310 -2.89 11.59 -13.01
N THR B 311 -3.35 10.85 -14.00
CA THR B 311 -4.35 9.82 -13.81
C THR B 311 -3.81 8.63 -13.02
N ALA B 312 -2.48 8.47 -13.01
CA ALA B 312 -1.81 7.39 -12.31
C ALA B 312 -1.79 7.60 -10.80
N ARG B 313 -1.81 8.86 -10.39
CA ARG B 313 -1.80 9.21 -8.98
C ARG B 313 -3.05 8.72 -8.28
N LEU B 314 -2.87 8.37 -7.00
CA LEU B 314 -3.95 7.88 -6.15
C LEU B 314 -4.95 9.01 -5.88
N THR B 315 -6.21 8.67 -5.63
CA THR B 315 -7.20 9.68 -5.32
C THR B 315 -7.13 9.84 -3.80
N PRO B 316 -7.52 11.01 -3.27
CA PRO B 316 -7.46 11.17 -1.82
C PRO B 316 -8.04 10.00 -1.03
N LEU B 317 -9.20 9.49 -1.44
CA LEU B 317 -9.77 8.36 -0.72
C LEU B 317 -8.84 7.16 -0.77
N GLU B 318 -8.41 6.79 -1.97
CA GLU B 318 -7.49 5.66 -2.14
C GLU B 318 -6.30 5.82 -1.21
N ALA B 319 -5.78 7.05 -1.09
CA ALA B 319 -4.64 7.33 -0.23
C ALA B 319 -4.96 7.02 1.23
N CYS B 320 -6.12 7.50 1.68
CA CYS B 320 -6.58 7.27 3.05
C CYS B 320 -6.60 5.79 3.35
N ALA B 321 -6.99 5.01 2.36
CA ALA B 321 -7.07 3.56 2.49
C ALA B 321 -5.73 2.89 2.22
N HIS B 322 -4.68 3.68 2.01
CA HIS B 322 -3.42 3.07 1.75
C HIS B 322 -2.92 2.34 2.98
N SER B 323 -2.29 1.20 2.73
CA SER B 323 -1.71 0.33 3.73
C SER B 323 -0.96 1.12 4.81
N PHE B 324 -0.33 2.21 4.40
CA PHE B 324 0.45 3.05 5.30
C PHE B 324 -0.36 3.65 6.45
N PHE B 325 -1.67 3.68 6.31
CA PHE B 325 -2.50 4.25 7.37
C PHE B 325 -3.14 3.21 8.26
N ASP B 326 -2.83 1.93 8.00
CA ASP B 326 -3.38 0.82 8.77
C ASP B 326 -3.29 1.04 10.28
N GLU B 327 -2.12 1.46 10.76
CA GLU B 327 -1.98 1.69 12.18
C GLU B 327 -3.11 2.57 12.70
N LEU B 328 -3.52 3.56 11.93
CA LEU B 328 -4.58 4.46 12.36
C LEU B 328 -5.94 3.77 12.52
N ARG B 329 -6.13 2.66 11.79
CA ARG B 329 -7.39 1.89 11.85
C ARG B 329 -7.28 0.79 12.90
N ASP B 330 -6.45 1.01 13.90
CA ASP B 330 -6.25 0.05 14.97
C ASP B 330 -6.95 0.56 16.22
N PRO B 331 -7.63 -0.32 16.95
CA PRO B 331 -8.34 0.07 18.18
C PRO B 331 -7.43 0.57 19.30
N ASN B 332 -6.21 0.05 19.35
CA ASN B 332 -5.24 0.40 20.39
C ASN B 332 -4.48 1.68 20.12
N VAL B 333 -4.72 2.30 18.98
CA VAL B 333 -4.00 3.50 18.62
C VAL B 333 -4.26 4.66 19.59
N LYS B 334 -3.18 5.30 20.01
CA LYS B 334 -3.20 6.45 20.94
C LYS B 334 -2.12 7.43 20.50
N LEU B 335 -2.25 8.69 20.95
CA LEU B 335 -1.25 9.69 20.61
C LEU B 335 -0.14 9.62 21.66
N PRO B 336 1.05 10.19 21.33
CA PRO B 336 2.20 10.19 22.24
C PRO B 336 1.94 10.88 23.58
N ASN B 337 1.10 11.89 23.59
CA ASN B 337 0.81 12.56 24.83
C ASN B 337 -0.31 11.78 25.53
N GLY B 338 -0.52 10.54 25.11
CA GLY B 338 -1.53 9.70 25.72
C GLY B 338 -2.98 10.00 25.38
N ARG B 339 -3.24 11.07 24.64
CA ARG B 339 -4.60 11.41 24.27
C ARG B 339 -5.02 10.53 23.07
N ASP B 340 -6.33 10.38 22.86
CA ASP B 340 -6.81 9.55 21.76
C ASP B 340 -6.63 10.21 20.42
N THR B 341 -6.87 9.45 19.35
CA THR B 341 -6.74 10.02 18.02
C THR B 341 -8.01 10.79 17.67
N PRO B 342 -7.89 11.82 16.83
CA PRO B 342 -9.05 12.61 16.43
C PRO B 342 -10.07 11.73 15.76
N ALA B 343 -11.22 12.29 15.42
CA ALA B 343 -12.26 11.53 14.72
C ALA B 343 -11.64 11.22 13.37
N LEU B 344 -11.67 9.96 12.97
CA LEU B 344 -11.04 9.62 11.70
C LEU B 344 -11.90 8.81 10.74
N PHE B 345 -12.99 8.23 11.23
CA PHE B 345 -13.81 7.39 10.35
C PHE B 345 -15.25 7.83 10.16
N ASN B 346 -15.58 9.00 10.67
CA ASN B 346 -16.93 9.52 10.54
C ASN B 346 -17.11 10.16 9.16
N PHE B 347 -17.06 9.33 8.10
CA PHE B 347 -17.20 9.79 6.71
C PHE B 347 -18.64 10.09 6.31
N THR B 348 -18.80 11.15 5.52
CA THR B 348 -20.13 11.54 5.07
C THR B 348 -20.32 10.90 3.71
N THR B 349 -21.57 10.59 3.38
CA THR B 349 -21.89 10.00 2.10
C THR B 349 -21.21 10.87 1.05
N GLN B 350 -21.32 12.18 1.28
CA GLN B 350 -20.72 13.21 0.42
C GLN B 350 -19.23 12.92 0.24
N GLU B 351 -18.56 12.67 1.36
CA GLU B 351 -17.12 12.40 1.38
C GLU B 351 -16.71 11.07 0.71
N LEU B 352 -17.58 10.06 0.76
CA LEU B 352 -17.28 8.76 0.17
C LEU B 352 -17.79 8.64 -1.25
N SER B 353 -18.44 9.69 -1.72
CA SER B 353 -19.03 9.73 -3.05
C SER B 353 -18.21 9.14 -4.21
N SER B 354 -16.93 9.52 -4.30
CA SER B 354 -16.08 9.06 -5.40
C SER B 354 -15.90 7.55 -5.55
N ASN B 355 -16.09 6.80 -4.46
CA ASN B 355 -15.93 5.34 -4.51
C ASN B 355 -16.63 4.80 -3.27
N PRO B 356 -17.97 4.84 -3.27
CA PRO B 356 -18.84 4.37 -2.18
C PRO B 356 -18.36 3.11 -1.46
N PRO B 357 -17.96 2.09 -2.23
CA PRO B 357 -17.50 0.82 -1.66
C PRO B 357 -16.18 0.82 -0.89
N LEU B 358 -15.46 1.93 -0.92
CA LEU B 358 -14.19 1.96 -0.19
C LEU B 358 -14.44 1.97 1.30
N ALA B 359 -15.66 2.32 1.69
CA ALA B 359 -16.01 2.36 3.11
C ALA B 359 -15.64 1.05 3.78
N THR B 360 -15.45 0.02 2.95
CA THR B 360 -15.09 -1.32 3.41
C THR B 360 -13.76 -1.30 4.13
N ILE B 361 -12.86 -0.44 3.67
CA ILE B 361 -11.55 -0.33 4.27
C ILE B 361 -11.42 0.84 5.22
N LEU B 362 -11.92 1.99 4.78
CA LEU B 362 -11.82 3.21 5.56
C LEU B 362 -12.48 3.16 6.92
N ILE B 363 -13.57 2.43 7.05
CA ILE B 363 -14.26 2.35 8.34
C ILE B 363 -14.11 1.00 9.02
N PRO B 364 -13.23 0.94 10.03
CA PRO B 364 -12.92 -0.25 10.83
C PRO B 364 -14.10 -0.85 11.56
N PRO B 365 -14.00 -2.13 11.92
CA PRO B 365 -15.05 -2.87 12.64
C PRO B 365 -15.46 -2.15 13.93
N HIS B 366 -14.45 -1.82 14.74
CA HIS B 366 -14.65 -1.15 16.03
C HIS B 366 -15.32 0.22 15.93
N ALA B 367 -15.67 0.62 14.73
CA ALA B 367 -16.34 1.89 14.52
C ALA B 367 -17.81 1.55 14.29
N ARG B 368 -18.12 0.96 13.13
CA ARG B 368 -19.49 0.60 12.78
C ARG B 368 -20.22 0.00 13.99
N ILE B 369 -19.73 -1.02 14.54
N ASP C 11 23.60 -32.93 16.60
CA ASP C 11 22.17 -33.11 16.19
C ASP C 11 21.35 -31.86 16.53
N PRO C 12 21.00 -31.05 15.51
CA PRO C 12 20.21 -29.82 15.67
C PRO C 12 18.73 -29.89 16.08
N HIS C 13 18.04 -31.00 15.82
CA HIS C 13 16.64 -31.09 16.21
C HIS C 13 16.61 -31.13 17.71
N ARG C 14 17.46 -31.99 18.24
CA ARG C 14 17.56 -32.17 19.67
C ARG C 14 18.01 -30.84 20.24
N LEU C 15 19.07 -30.27 19.66
CA LEU C 15 19.60 -28.99 20.10
C LEU C 15 18.50 -27.93 20.15
N LEU C 16 17.65 -27.94 19.13
CA LEU C 16 16.56 -26.99 19.08
C LEU C 16 15.56 -27.34 20.16
N GLN C 17 15.25 -28.63 20.27
CA GLN C 17 14.31 -29.11 21.27
C GLN C 17 14.77 -28.72 22.67
N GLN C 18 16.07 -28.72 22.90
CA GLN C 18 16.58 -28.35 24.22
C GLN C 18 16.54 -26.85 24.43
N LEU C 19 16.92 -26.09 23.40
CA LEU C 19 16.92 -24.63 23.50
C LEU C 19 15.50 -24.18 23.79
N VAL C 20 14.54 -24.87 23.18
CA VAL C 20 13.13 -24.54 23.39
C VAL C 20 12.61 -24.99 24.74
N LEU C 21 13.05 -26.17 25.19
CA LEU C 21 12.64 -26.67 26.50
C LEU C 21 13.26 -25.84 27.61
N SER C 22 14.55 -25.56 27.44
CA SER C 22 15.31 -24.77 28.41
C SER C 22 14.94 -23.29 28.42
N GLY C 23 14.48 -22.78 27.27
CA GLY C 23 14.11 -21.37 27.17
C GLY C 23 15.34 -20.53 26.89
N ASN C 24 16.16 -20.97 25.93
CA ASN C 24 17.38 -20.28 25.55
C ASN C 24 17.53 -20.17 24.04
N LEU C 25 16.41 -20.26 23.34
CA LEU C 25 16.44 -20.16 21.89
C LEU C 25 16.92 -18.80 21.37
N ILE C 26 16.27 -17.72 21.79
CA ILE C 26 16.63 -16.37 21.33
C ILE C 26 18.04 -16.00 21.76
N LYS C 27 18.33 -16.23 23.03
CA LYS C 27 19.62 -15.97 23.63
C LYS C 27 20.74 -16.70 22.87
N GLU C 28 20.52 -17.98 22.60
CA GLU C 28 21.50 -18.79 21.87
C GLU C 28 21.69 -18.32 20.43
N ALA C 29 20.59 -18.03 19.75
CA ALA C 29 20.64 -17.58 18.37
C ALA C 29 21.42 -16.26 18.28
N VAL C 30 21.21 -15.37 19.25
CA VAL C 30 21.93 -14.11 19.26
C VAL C 30 23.42 -14.36 19.43
N ARG C 31 23.78 -15.28 20.32
CA ARG C 31 25.19 -15.59 20.54
C ARG C 31 25.85 -15.98 19.22
N ARG C 32 25.20 -16.89 18.51
CA ARG C 32 25.70 -17.36 17.23
C ARG C 32 25.72 -16.22 16.23
N LEU C 33 24.80 -15.30 16.41
CA LEU C 33 24.71 -14.16 15.53
C LEU C 33 25.96 -13.27 15.60
N HIS C 34 26.67 -13.36 16.71
CA HIS C 34 27.86 -12.54 16.94
C HIS C 34 29.19 -13.20 16.65
N SER C 35 29.19 -14.51 16.47
CA SER C 35 30.42 -15.26 16.22
C SER C 35 30.86 -15.28 14.76
N ARG C 36 30.08 -15.74 13.90
N ASP D 11 15.42 36.40 -16.27
CA ASP D 11 14.06 36.01 -15.79
C ASP D 11 13.66 34.62 -16.33
N PRO D 12 13.85 33.56 -15.52
CA PRO D 12 13.52 32.16 -15.88
C PRO D 12 12.01 31.84 -15.92
N HIS D 13 11.19 32.90 -15.91
CA HIS D 13 9.73 32.76 -15.95
C HIS D 13 9.28 32.80 -17.42
N ARG D 14 9.75 33.79 -18.16
CA ARG D 14 9.43 33.91 -19.57
C ARG D 14 10.15 32.75 -20.25
N LEU D 15 11.38 32.53 -19.80
CA LEU D 15 12.22 31.46 -20.30
C LEU D 15 11.44 30.15 -20.26
N LEU D 16 10.80 29.88 -19.13
CA LEU D 16 10.03 28.66 -19.00
C LEU D 16 8.94 28.66 -20.06
N GLN D 17 8.16 29.73 -20.10
CA GLN D 17 7.10 29.85 -21.08
C GLN D 17 7.62 29.65 -22.53
N GLN D 18 8.84 30.09 -22.79
CA GLN D 18 9.43 29.93 -24.13
C GLN D 18 9.79 28.47 -24.38
N LEU D 19 10.49 27.88 -23.40
CA LEU D 19 10.90 26.49 -23.50
C LEU D 19 9.70 25.59 -23.70
N VAL D 20 8.59 25.94 -23.06
CA VAL D 20 7.36 25.16 -23.18
C VAL D 20 6.78 25.31 -24.58
N LEU D 21 6.76 26.53 -25.08
CA LEU D 21 6.23 26.84 -26.41
C LEU D 21 7.13 26.31 -27.52
N SER D 22 8.43 26.52 -27.37
CA SER D 22 9.38 26.04 -28.36
C SER D 22 9.44 24.51 -28.33
N GLY D 23 9.12 23.93 -27.17
CA GLY D 23 9.19 22.48 -27.05
C GLY D 23 10.63 22.05 -26.79
N ASN D 24 11.28 22.66 -25.81
CA ASN D 24 12.66 22.32 -25.44
C ASN D 24 12.80 22.26 -23.93
N LEU D 25 11.70 22.05 -23.22
CA LEU D 25 11.75 22.03 -21.77
C LEU D 25 12.62 20.90 -21.19
N ILE D 26 12.35 19.67 -21.61
CA ILE D 26 13.10 18.51 -21.12
C ILE D 26 14.55 18.53 -21.55
N LYS D 27 14.75 18.98 -22.79
CA LYS D 27 16.06 19.09 -23.41
C LYS D 27 16.97 20.02 -22.59
N GLU D 28 16.43 21.19 -22.26
CA GLU D 28 17.15 22.19 -21.51
C GLU D 28 17.28 21.82 -20.03
N ALA D 29 16.29 21.09 -19.53
CA ALA D 29 16.36 20.70 -18.14
C ALA D 29 17.47 19.66 -17.97
N VAL D 30 17.47 18.65 -18.83
CA VAL D 30 18.48 17.60 -18.77
C VAL D 30 19.89 18.18 -18.92
N ARG D 31 20.00 19.23 -19.74
CA ARG D 31 21.28 19.88 -19.97
C ARG D 31 21.78 20.45 -18.66
N ARG D 32 20.96 21.30 -18.04
CA ARG D 32 21.33 21.93 -16.77
C ARG D 32 21.64 20.88 -15.71
N LEU D 33 21.11 19.68 -15.92
CA LEU D 33 21.32 18.58 -14.97
C LEU D 33 22.79 18.17 -14.94
N HIS D 34 23.32 17.86 -16.11
CA HIS D 34 24.69 17.43 -16.27
C HIS D 34 25.67 18.58 -16.24
N SER D 35 25.18 19.76 -15.94
CA SER D 35 26.03 20.95 -15.88
C SER D 35 26.88 20.96 -14.61
N ARG D 36 26.31 20.70 -13.52
#